data_8WRE
#
_entry.id   8WRE
#
_cell.length_a   1.00
_cell.length_b   1.00
_cell.length_c   1.00
_cell.angle_alpha   90.00
_cell.angle_beta   90.00
_cell.angle_gamma   90.00
#
_symmetry.space_group_name_H-M   'P 1'
#
loop_
_entity.id
_entity.type
_entity.pdbx_description
1 polymer 'Synaptic vesicular amine transporter'
2 polymer FabL
3 polymer FabH
4 non-polymer L-DOPAMINE
#
loop_
_entity_poly.entity_id
_entity_poly.type
_entity_poly.pdbx_seq_one_letter_code
_entity_poly.pdbx_strand_id
1 'polypeptide(L)'
;MALSELALVRWLQESRRSRKLILFIVFLALLLDNMLLTVVVPIIPSYLYSIKHEKNATEIQTARPVHTASISDSFQSIFS
YYDNSTMVTGNATRDLTLHQTATQHMVTNASAVPSDCPSEDKDLLNENVQVGLLFASKATVQLITNPFIGLLTNRIGYPI
PIFAGFCIMFVSTIMFAFSSSYAFLLIARSLQGIGSSCSSVAGMGMLASVYTDDEERGNVMGIALGGLAMGVLVGPPFGS
VLYEFVGKTAPFLVLAALVLLDGAIQLFVLQPSRVQPESQKGTPLTTLLKDPYILIAAGSICFANMGIAMLEPALPIWMM
ETMCSRKWQLGVAFLPASISYLIGTNIFGILAHKMGRWLCALLGMIIVGVSILCIPFAKNIYGLIAPNFGVGFAIGMVDS
SMMPIMGYLVDLRHVSVYGSVYAIADVAFCMGYAIGPSAGGAIAKAIGFPWLMTIIGIIDILFAPLCFFLRSPPAKEEKM
AILMDHNCPIKTKMYTQNNIQSYPIGEDEESESD
;
A
2 'polypeptide(L)'
;AQAAELDIVMTQSQKFMSTSVGDRVSITCKASQNVGTDVSWYQQKPGKSPKPLIYWASNRFTGVPDRFTGSRSGTDFTLT
ISNVQSEDLADYFCEQYSSYPLTFGAGTKLELKRADAAPTVSIFPPSSEQLTSGGASVVCFLNNFYPKDINVKWKIDGSE
RQNGVLNSWTDQDSKDSTYSMSSTLTLTKDEYERHNSYTCEATHKTSTSPIVKSFNRNEC
;
L
3 'polypeptide(L)'
;GGSSRSSLEVKLQESGAELVKPGASVKLSCKASGYTFTSYWIDWVKQRPGQGLEWIGNIYPGNSSTNYNEKFKNKATLTV
DTSSSTAYMQLSSLTSDDSAVYYCAREDYYDGTYVYYAMDFWGQGTSVTVSSAKTTAPSVYPLAPVCGDTSGSSVTLGCL
VKGYFPEPVTLTWNSGSLSSGVHTFPAVLQSDLYTLSSSVTVTSSTWPSQSITCNVAHPASSTKVDKKIEPRGPTIKPCP
PCKCPAPNLLGGPSVFIFPPKIKDVLMISLSPIVTCVVVDVSEDDPDVQISWFVNNVEVHTAQTQTHREDYNSTLRVVSA
LPIQHQDWMSGKEFKC
;
H
#
loop_
_chem_comp.id
_chem_comp.type
_chem_comp.name
_chem_comp.formula
LDP non-polymer L-DOPAMINE 'C8 H11 N O2'
#
# COMPACT_ATOMS: atom_id res chain seq x y z
N ALA A 7 -21.74 5.54 -10.30
CA ALA A 7 -21.88 6.83 -10.97
C ALA A 7 -21.78 6.67 -12.48
N LEU A 8 -21.08 7.59 -13.13
CA LEU A 8 -20.90 7.53 -14.57
C LEU A 8 -20.03 6.32 -14.94
N VAL A 9 -20.29 5.78 -16.14
CA VAL A 9 -19.54 4.61 -16.59
C VAL A 9 -18.06 4.95 -16.77
N ARG A 10 -17.75 6.21 -17.03
CA ARG A 10 -16.35 6.62 -17.16
C ARG A 10 -15.59 6.43 -15.86
N TRP A 11 -16.23 6.78 -14.73
CA TRP A 11 -15.59 6.58 -13.43
C TRP A 11 -15.42 5.09 -13.13
N LEU A 12 -16.41 4.28 -13.52
CA LEU A 12 -16.31 2.84 -13.29
C LEU A 12 -15.18 2.22 -14.10
N GLN A 13 -15.03 2.63 -15.37
CA GLN A 13 -14.08 1.98 -16.25
C GLN A 13 -12.66 2.48 -16.08
N GLU A 14 -12.45 3.63 -15.43
CA GLU A 14 -11.13 4.23 -15.27
C GLU A 14 -10.92 4.57 -13.79
N SER A 15 -10.46 3.60 -13.01
CA SER A 15 -10.16 3.82 -11.60
C SER A 15 -9.49 2.56 -11.04
N ARG A 16 -8.70 2.76 -9.98
CA ARG A 16 -8.15 1.66 -9.22
C ARG A 16 -9.16 1.26 -8.15
N ARG A 17 -9.62 0.02 -8.21
CA ARG A 17 -10.59 -0.46 -7.23
C ARG A 17 -10.00 -0.41 -5.83
N SER A 18 -10.53 0.47 -4.99
CA SER A 18 -10.04 0.63 -3.64
C SER A 18 -10.68 -0.40 -2.70
N ARG A 19 -10.16 -0.47 -1.48
CA ARG A 19 -10.75 -1.32 -0.47
C ARG A 19 -12.07 -0.79 0.06
N LYS A 20 -12.43 0.46 -0.26
CA LYS A 20 -13.70 1.02 0.17
C LYS A 20 -14.88 0.34 -0.52
N LEU A 21 -14.66 -0.30 -1.67
CA LEU A 21 -15.73 -1.03 -2.33
C LEU A 21 -16.17 -2.23 -1.51
N ILE A 22 -15.22 -2.90 -0.85
CA ILE A 22 -15.58 -4.02 0.03
C ILE A 22 -16.43 -3.52 1.19
N LEU A 23 -16.05 -2.39 1.78
CA LEU A 23 -16.84 -1.80 2.86
C LEU A 23 -18.24 -1.42 2.37
N PHE A 24 -18.34 -0.88 1.16
CA PHE A 24 -19.63 -0.56 0.59
C PHE A 24 -20.49 -1.81 0.40
N ILE A 25 -19.88 -2.89 -0.07
CA ILE A 25 -20.61 -4.14 -0.24
C ILE A 25 -21.15 -4.65 1.10
N VAL A 26 -20.29 -4.62 2.13
CA VAL A 26 -20.72 -5.09 3.45
C VAL A 26 -21.85 -4.23 3.99
N PHE A 27 -21.71 -2.91 3.86
CA PHE A 27 -22.74 -1.99 4.34
C PHE A 27 -24.07 -2.23 3.62
N LEU A 28 -24.02 -2.39 2.30
CA LEU A 28 -25.24 -2.60 1.53
C LEU A 28 -25.91 -3.92 1.90
N ALA A 29 -25.11 -4.99 2.04
CA ALA A 29 -25.67 -6.28 2.40
C ALA A 29 -26.34 -6.23 3.77
N LEU A 30 -25.68 -5.61 4.74
CA LEU A 30 -26.26 -5.52 6.08
C LEU A 30 -27.52 -4.66 6.08
N LEU A 31 -27.51 -3.56 5.33
CA LEU A 31 -28.69 -2.69 5.24
C LEU A 31 -29.88 -3.45 4.66
N LEU A 32 -29.65 -4.17 3.56
CA LEU A 32 -30.74 -4.92 2.93
C LEU A 32 -31.23 -6.05 3.83
N ASP A 33 -30.31 -6.71 4.53
CA ASP A 33 -30.70 -7.76 5.47
C ASP A 33 -31.62 -7.20 6.55
N ASN A 34 -31.24 -6.09 7.16
CA ASN A 34 -32.07 -5.52 8.22
C ASN A 34 -33.40 -4.97 7.67
N MET A 35 -33.40 -4.42 6.46
CA MET A 35 -34.64 -3.96 5.88
C MET A 35 -35.60 -5.12 5.65
N LEU A 36 -35.10 -6.25 5.14
CA LEU A 36 -35.94 -7.43 4.99
C LEU A 36 -36.42 -7.95 6.33
N LEU A 37 -35.56 -7.91 7.34
CA LEU A 37 -35.95 -8.37 8.67
C LEU A 37 -37.08 -7.52 9.25
N THR A 38 -37.02 -6.20 9.02
CA THR A 38 -37.96 -5.30 9.66
C THR A 38 -39.26 -5.12 8.88
N VAL A 39 -39.24 -5.26 7.56
CA VAL A 39 -40.46 -5.07 6.77
C VAL A 39 -41.48 -6.16 7.08
N VAL A 40 -41.01 -7.38 7.34
CA VAL A 40 -41.90 -8.53 7.50
C VAL A 40 -42.76 -8.40 8.76
N VAL A 41 -42.21 -7.80 9.83
CA VAL A 41 -42.87 -7.85 11.14
C VAL A 41 -44.31 -7.34 11.11
N PRO A 42 -44.63 -6.20 10.50
CA PRO A 42 -46.03 -5.77 10.47
C PRO A 42 -46.95 -6.70 9.70
N ILE A 43 -46.41 -7.56 8.84
CA ILE A 43 -47.24 -8.41 7.98
C ILE A 43 -47.38 -9.83 8.52
N ILE A 44 -46.61 -10.22 9.54
CA ILE A 44 -46.68 -11.59 10.06
C ILE A 44 -48.08 -11.96 10.53
N PRO A 45 -48.78 -11.15 11.31
CA PRO A 45 -50.15 -11.55 11.71
C PRO A 45 -51.08 -11.79 10.54
N SER A 46 -50.93 -11.06 9.45
CA SER A 46 -51.74 -11.23 8.24
C SER A 46 -53.24 -11.14 8.55
N LEU A 125 -49.27 -25.75 15.59
CA LEU A 125 -50.24 -26.10 16.63
C LEU A 125 -50.88 -24.85 17.21
N ASN A 126 -50.59 -24.58 18.48
CA ASN A 126 -51.12 -23.38 19.12
C ASN A 126 -50.56 -22.13 18.48
N GLU A 127 -51.40 -21.08 18.41
CA GLU A 127 -50.96 -19.83 17.81
C GLU A 127 -49.82 -19.20 18.59
N ASN A 128 -49.78 -19.40 19.90
CA ASN A 128 -48.67 -18.89 20.70
C ASN A 128 -47.36 -19.55 20.30
N VAL A 129 -47.39 -20.87 20.04
CA VAL A 129 -46.20 -21.56 19.58
C VAL A 129 -45.80 -21.10 18.19
N GLN A 130 -46.79 -20.98 17.30
CA GLN A 130 -46.50 -20.64 15.89
C GLN A 130 -45.83 -19.28 15.79
N VAL A 131 -46.38 -18.27 16.46
CA VAL A 131 -45.85 -16.92 16.35
C VAL A 131 -44.44 -16.84 16.94
N GLY A 132 -44.23 -17.47 18.10
CA GLY A 132 -42.90 -17.45 18.70
C GLY A 132 -41.86 -18.16 17.86
N LEU A 133 -42.23 -19.31 17.30
CA LEU A 133 -41.32 -20.03 16.42
C LEU A 133 -40.99 -19.21 15.19
N LEU A 134 -42.01 -18.57 14.59
CA LEU A 134 -41.77 -17.75 13.40
C LEU A 134 -40.89 -16.54 13.73
N PHE A 135 -41.01 -16.00 14.94
CA PHE A 135 -40.18 -14.86 15.31
C PHE A 135 -38.73 -15.28 15.60
N ALA A 136 -38.53 -16.44 16.20
CA ALA A 136 -37.20 -16.86 16.60
C ALA A 136 -36.45 -17.67 15.54
N SER A 137 -37.12 -18.04 14.44
CA SER A 137 -36.50 -18.91 13.45
C SER A 137 -35.23 -18.31 12.87
N LYS A 138 -35.30 -17.05 12.43
CA LYS A 138 -34.16 -16.44 11.75
C LYS A 138 -32.94 -16.39 12.66
N ALA A 139 -33.12 -15.88 13.88
CA ALA A 139 -32.00 -15.75 14.80
C ALA A 139 -31.45 -17.12 15.20
N THR A 140 -32.33 -18.09 15.44
CA THR A 140 -31.85 -19.42 15.82
C THR A 140 -31.03 -20.06 14.71
N VAL A 141 -31.51 -19.98 13.47
CA VAL A 141 -30.80 -20.61 12.36
C VAL A 141 -29.47 -19.90 12.11
N GLN A 142 -29.47 -18.56 12.20
CA GLN A 142 -28.21 -17.83 12.03
C GLN A 142 -27.20 -18.21 13.12
N LEU A 143 -27.67 -18.33 14.36
CA LEU A 143 -26.80 -18.71 15.46
C LEU A 143 -26.22 -20.11 15.23
N ILE A 144 -27.04 -21.04 14.74
CA ILE A 144 -26.55 -22.39 14.49
C ILE A 144 -25.54 -22.40 13.35
N THR A 145 -25.77 -21.60 12.31
CA THR A 145 -24.94 -21.66 11.12
C THR A 145 -23.68 -20.79 11.19
N ASN A 146 -23.54 -19.94 12.21
CA ASN A 146 -22.36 -19.09 12.28
C ASN A 146 -21.03 -19.85 12.32
N PRO A 147 -20.81 -20.82 13.22
CA PRO A 147 -19.48 -21.48 13.25
C PRO A 147 -19.12 -22.21 11.98
N PHE A 148 -20.10 -22.81 11.30
CA PHE A 148 -19.81 -23.52 10.06
C PHE A 148 -19.29 -22.56 9.00
N ILE A 149 -19.91 -21.40 8.88
CA ILE A 149 -19.40 -20.38 7.95
C ILE A 149 -18.03 -19.89 8.39
N GLY A 150 -17.82 -19.79 9.71
CA GLY A 150 -16.51 -19.37 10.19
C GLY A 150 -15.40 -20.31 9.75
N LEU A 151 -15.65 -21.61 9.80
CA LEU A 151 -14.66 -22.57 9.32
C LEU A 151 -14.59 -22.59 7.79
N LEU A 152 -15.72 -22.40 7.12
CA LEU A 152 -15.74 -22.42 5.66
C LEU A 152 -14.92 -21.28 5.08
N THR A 153 -14.95 -20.11 5.71
CA THR A 153 -14.18 -18.98 5.20
C THR A 153 -12.68 -19.30 5.21
N ASN A 154 -12.21 -20.00 6.24
CA ASN A 154 -10.81 -20.42 6.24
C ASN A 154 -10.55 -21.48 5.19
N ARG A 155 -11.49 -22.42 5.02
CA ARG A 155 -11.25 -23.53 4.09
C ARG A 155 -11.23 -23.05 2.63
N ILE A 156 -12.10 -22.13 2.25
CA ILE A 156 -12.22 -21.75 0.84
C ILE A 156 -12.08 -20.26 0.58
N GLY A 157 -12.29 -19.38 1.55
CA GLY A 157 -12.21 -17.95 1.31
C GLY A 157 -13.52 -17.25 1.63
N TYR A 158 -13.45 -15.91 1.59
CA TYR A 158 -14.58 -15.04 1.88
C TYR A 158 -15.55 -14.77 0.72
N PRO A 159 -15.07 -14.46 -0.48
CA PRO A 159 -16.01 -14.04 -1.55
C PRO A 159 -17.08 -15.06 -1.90
N ILE A 160 -16.75 -16.35 -1.90
CA ILE A 160 -17.75 -17.37 -2.25
C ILE A 160 -18.85 -17.40 -1.18
N PRO A 161 -18.54 -17.41 0.12
CA PRO A 161 -19.62 -17.26 1.11
C PRO A 161 -20.39 -15.95 0.99
N ILE A 162 -19.73 -14.86 0.62
CA ILE A 162 -20.46 -13.60 0.46
C ILE A 162 -21.50 -13.72 -0.65
N PHE A 163 -21.09 -14.27 -1.79
CA PHE A 163 -22.00 -14.44 -2.91
C PHE A 163 -23.11 -15.44 -2.58
N ALA A 164 -22.78 -16.50 -1.83
CA ALA A 164 -23.79 -17.46 -1.43
C ALA A 164 -24.83 -16.82 -0.52
N GLY A 165 -24.38 -16.00 0.44
CA GLY A 165 -25.33 -15.28 1.27
C GLY A 165 -26.21 -14.36 0.46
N PHE A 166 -25.62 -13.69 -0.54
CA PHE A 166 -26.43 -12.94 -1.50
C PHE A 166 -27.53 -13.77 -2.14
N CYS A 167 -27.17 -14.92 -2.72
CA CYS A 167 -28.15 -15.72 -3.44
C CYS A 167 -29.25 -16.20 -2.52
N ILE A 168 -28.88 -16.62 -1.31
CA ILE A 168 -29.86 -17.10 -0.35
C ILE A 168 -30.81 -15.97 0.06
N MET A 169 -30.26 -14.76 0.25
CA MET A 169 -31.11 -13.62 0.61
C MET A 169 -32.10 -13.28 -0.51
N PHE A 170 -31.64 -13.32 -1.76
CA PHE A 170 -32.54 -13.04 -2.86
C PHE A 170 -33.66 -14.08 -2.95
N VAL A 171 -33.30 -15.36 -2.79
CA VAL A 171 -34.31 -16.41 -2.82
C VAL A 171 -35.30 -16.24 -1.67
N SER A 172 -34.81 -15.84 -0.50
CA SER A 172 -35.70 -15.60 0.63
C SER A 172 -36.66 -14.46 0.35
N THR A 173 -36.18 -13.39 -0.26
CA THR A 173 -37.07 -12.27 -0.60
C THR A 173 -38.14 -12.70 -1.59
N ILE A 174 -37.76 -13.48 -2.61
CA ILE A 174 -38.75 -13.96 -3.58
C ILE A 174 -39.78 -14.84 -2.89
N MET A 175 -39.32 -15.73 -2.00
CA MET A 175 -40.25 -16.61 -1.29
C MET A 175 -41.21 -15.81 -0.42
N PHE A 176 -40.72 -14.76 0.24
CA PHE A 176 -41.61 -13.89 0.99
C PHE A 176 -42.64 -13.23 0.08
N ALA A 177 -42.20 -12.79 -1.10
CA ALA A 177 -43.13 -12.13 -2.03
C ALA A 177 -44.23 -13.07 -2.49
N PHE A 178 -43.90 -14.33 -2.76
CA PHE A 178 -44.87 -15.22 -3.40
C PHE A 178 -45.29 -16.38 -2.51
N SER A 179 -45.58 -16.12 -1.24
CA SER A 179 -46.05 -17.16 -0.33
C SER A 179 -47.23 -16.64 0.49
N SER A 180 -48.10 -17.56 0.90
CA SER A 180 -49.25 -17.21 1.73
C SER A 180 -49.47 -18.16 2.90
N SER A 181 -48.85 -19.33 2.93
CA SER A 181 -49.02 -20.28 4.01
C SER A 181 -48.16 -19.87 5.20
N TYR A 182 -48.03 -20.77 6.19
CA TYR A 182 -47.18 -20.55 7.35
C TYR A 182 -45.85 -21.30 7.24
N ALA A 183 -45.87 -22.52 6.70
CA ALA A 183 -44.63 -23.27 6.53
C ALA A 183 -43.69 -22.56 5.57
N PHE A 184 -44.24 -21.95 4.51
CA PHE A 184 -43.39 -21.23 3.56
C PHE A 184 -42.78 -19.99 4.21
N LEU A 185 -43.53 -19.29 5.06
CA LEU A 185 -42.95 -18.18 5.80
C LEU A 185 -41.84 -18.65 6.73
N LEU A 186 -42.04 -19.78 7.40
CA LEU A 186 -40.99 -20.33 8.26
C LEU A 186 -39.74 -20.66 7.47
N ILE A 187 -39.91 -21.27 6.30
CA ILE A 187 -38.77 -21.61 5.45
C ILE A 187 -38.06 -20.35 4.98
N ALA A 188 -38.83 -19.31 4.62
CA ALA A 188 -38.22 -18.06 4.19
C ALA A 188 -37.43 -17.41 5.30
N ARG A 189 -37.96 -17.43 6.53
CA ARG A 189 -37.20 -16.90 7.66
C ARG A 189 -35.92 -17.67 7.91
N SER A 190 -35.99 -19.00 7.82
CA SER A 190 -34.77 -19.80 8.01
C SER A 190 -33.73 -19.51 6.93
N LEU A 191 -34.17 -19.40 5.68
CA LEU A 191 -33.24 -19.07 4.60
C LEU A 191 -32.63 -17.69 4.81
N GLN A 192 -33.44 -16.73 5.25
CA GLN A 192 -32.89 -15.40 5.55
C GLN A 192 -31.86 -15.47 6.66
N GLY A 193 -32.09 -16.33 7.66
CA GLY A 193 -31.10 -16.51 8.70
C GLY A 193 -29.79 -17.07 8.19
N ILE A 194 -29.86 -18.08 7.32
CA ILE A 194 -28.65 -18.66 6.74
C ILE A 194 -27.89 -17.60 5.95
N GLY A 195 -28.60 -16.86 5.11
CA GLY A 195 -27.96 -15.84 4.30
C GLY A 195 -27.36 -14.73 5.14
N SER A 196 -28.05 -14.33 6.20
CA SER A 196 -27.52 -13.30 7.10
C SER A 196 -26.25 -13.78 7.80
N SER A 197 -26.23 -15.04 8.24
CA SER A 197 -25.02 -15.57 8.86
C SER A 197 -23.86 -15.53 7.88
N CYS A 198 -24.08 -16.02 6.66
CA CYS A 198 -23.02 -16.00 5.64
C CYS A 198 -22.52 -14.58 5.42
N SER A 199 -23.45 -13.65 5.14
CA SER A 199 -23.06 -12.29 4.83
C SER A 199 -22.29 -11.65 5.99
N SER A 200 -22.84 -11.71 7.19
CA SER A 200 -22.22 -11.03 8.32
C SER A 200 -20.84 -11.60 8.62
N VAL A 201 -20.74 -12.92 8.78
CA VAL A 201 -19.46 -13.52 9.16
C VAL A 201 -18.42 -13.26 8.08
N ALA A 202 -18.76 -13.57 6.82
CA ALA A 202 -17.78 -13.43 5.75
C ALA A 202 -17.37 -11.99 5.54
N GLY A 203 -18.33 -11.06 5.58
CA GLY A 203 -18.00 -9.66 5.37
C GLY A 203 -17.14 -9.07 6.48
N MET A 204 -17.47 -9.39 7.74
CA MET A 204 -16.66 -8.85 8.82
C MET A 204 -15.26 -9.46 8.81
N GLY A 205 -15.15 -10.75 8.52
CA GLY A 205 -13.83 -11.35 8.38
C GLY A 205 -13.03 -10.75 7.24
N MET A 206 -13.70 -10.49 6.11
CA MET A 206 -13.02 -9.88 4.97
C MET A 206 -12.53 -8.48 5.30
N LEU A 207 -13.37 -7.69 5.98
CA LEU A 207 -12.97 -6.34 6.38
C LEU A 207 -11.81 -6.38 7.35
N ALA A 208 -11.83 -7.31 8.30
CA ALA A 208 -10.71 -7.44 9.23
C ALA A 208 -9.44 -7.84 8.51
N SER A 209 -9.56 -8.73 7.51
CA SER A 209 -8.37 -9.21 6.81
C SER A 209 -7.74 -8.11 5.95
N VAL A 210 -8.56 -7.29 5.29
CA VAL A 210 -7.99 -6.27 4.41
C VAL A 210 -7.60 -4.99 5.15
N TYR A 211 -8.08 -4.78 6.36
CA TYR A 211 -7.76 -3.58 7.14
C TYR A 211 -7.07 -4.03 8.42
N THR A 212 -5.74 -4.16 8.35
CA THR A 212 -4.96 -4.63 9.49
C THR A 212 -4.52 -3.50 10.42
N ASP A 213 -4.73 -2.24 10.04
CA ASP A 213 -4.42 -1.12 10.92
C ASP A 213 -5.56 -0.94 11.92
N ASP A 214 -5.19 -0.75 13.19
CA ASP A 214 -6.20 -0.68 14.25
C ASP A 214 -7.16 0.48 14.03
N GLU A 215 -6.62 1.68 13.77
CA GLU A 215 -7.46 2.85 13.61
C GLU A 215 -8.40 2.71 12.41
N GLU A 216 -7.84 2.30 11.27
CA GLU A 216 -8.65 2.18 10.07
C GLU A 216 -9.63 1.02 10.20
N ARG A 217 -9.23 -0.06 10.86
CA ARG A 217 -10.16 -1.17 11.10
C ARG A 217 -11.34 -0.70 11.94
N GLY A 218 -11.08 0.05 13.00
CA GLY A 218 -12.17 0.58 13.80
C GLY A 218 -13.08 1.50 13.02
N ASN A 219 -12.50 2.38 12.20
CA ASN A 219 -13.29 3.30 11.40
C ASN A 219 -14.21 2.54 10.44
N VAL A 220 -13.64 1.61 9.67
CA VAL A 220 -14.44 0.89 8.68
C VAL A 220 -15.47 0.01 9.35
N MET A 221 -15.15 -0.56 10.51
CA MET A 221 -16.12 -1.42 11.18
C MET A 221 -17.28 -0.60 11.76
N GLY A 222 -16.99 0.60 12.26
CA GLY A 222 -18.09 1.48 12.67
C GLY A 222 -18.97 1.88 11.50
N ILE A 223 -18.35 2.21 10.36
CA ILE A 223 -19.13 2.57 9.18
C ILE A 223 -20.01 1.41 8.74
N ALA A 224 -19.45 0.19 8.75
CA ALA A 224 -20.24 -0.98 8.38
C ALA A 224 -21.36 -1.27 9.36
N LEU A 225 -21.09 -1.09 10.66
CA LEU A 225 -22.10 -1.31 11.68
C LEU A 225 -23.23 -0.30 11.59
N GLY A 226 -22.97 0.89 11.05
CA GLY A 226 -24.05 1.84 10.82
C GLY A 226 -25.13 1.33 9.88
N GLY A 227 -24.82 0.29 9.10
CA GLY A 227 -25.81 -0.25 8.17
C GLY A 227 -27.01 -0.86 8.88
N LEU A 228 -26.78 -1.51 10.03
CA LEU A 228 -27.89 -2.06 10.80
C LEU A 228 -28.85 -0.96 11.22
N ALA A 229 -28.32 0.14 11.74
CA ALA A 229 -29.16 1.25 12.16
C ALA A 229 -29.91 1.84 10.98
N MET A 230 -29.22 2.02 9.85
CA MET A 230 -29.88 2.57 8.68
C MET A 230 -31.02 1.66 8.22
N GLY A 231 -30.79 0.35 8.21
CA GLY A 231 -31.83 -0.57 7.79
C GLY A 231 -33.02 -0.58 8.73
N VAL A 232 -32.78 -0.64 10.03
CA VAL A 232 -33.88 -0.69 10.98
C VAL A 232 -34.58 0.66 11.09
N LEU A 233 -33.96 1.74 10.60
CA LEU A 233 -34.62 3.03 10.56
C LEU A 233 -35.43 3.22 9.28
N VAL A 234 -35.00 2.63 8.16
CA VAL A 234 -35.68 2.85 6.89
C VAL A 234 -36.77 1.79 6.61
N GLY A 235 -36.63 0.59 7.18
CA GLY A 235 -37.53 -0.51 6.86
C GLY A 235 -39.01 -0.28 7.10
N PRO A 236 -39.39 0.15 8.31
CA PRO A 236 -40.83 0.28 8.62
C PRO A 236 -41.54 1.29 7.73
N PRO A 237 -41.03 2.52 7.58
CA PRO A 237 -41.75 3.46 6.69
C PRO A 237 -41.81 2.97 5.25
N PHE A 238 -40.74 2.36 4.76
CA PHE A 238 -40.73 1.83 3.40
C PHE A 238 -41.80 0.77 3.20
N GLY A 239 -41.85 -0.20 4.11
CA GLY A 239 -42.87 -1.24 4.01
C GLY A 239 -44.27 -0.70 4.16
N SER A 240 -44.48 0.24 5.09
CA SER A 240 -45.82 0.78 5.30
C SER A 240 -46.29 1.59 4.11
N VAL A 241 -45.41 2.40 3.52
CA VAL A 241 -45.79 3.19 2.35
C VAL A 241 -46.10 2.28 1.16
N LEU A 242 -45.25 1.27 0.93
CA LEU A 242 -45.49 0.41 -0.23
C LEU A 242 -46.60 -0.60 0.00
N TYR A 243 -47.04 -0.83 1.24
CA TYR A 243 -48.05 -1.83 1.50
C TYR A 243 -49.43 -1.39 1.01
N GLU A 244 -49.82 -0.16 1.32
CA GLU A 244 -51.17 0.30 1.02
C GLU A 244 -51.28 1.12 -0.26
N PHE A 245 -50.17 1.67 -0.77
CA PHE A 245 -50.24 2.50 -1.95
C PHE A 245 -50.08 1.73 -3.25
N VAL A 246 -49.44 0.56 -3.22
CA VAL A 246 -49.26 -0.24 -4.42
C VAL A 246 -49.92 -1.60 -4.24
N GLY A 247 -49.48 -2.35 -3.24
CA GLY A 247 -50.05 -3.67 -3.00
C GLY A 247 -49.31 -4.37 -1.88
N LYS A 248 -49.71 -5.63 -1.66
CA LYS A 248 -49.10 -6.40 -0.58
C LYS A 248 -47.69 -6.84 -0.94
N THR A 249 -47.48 -7.33 -2.16
CA THR A 249 -46.18 -7.86 -2.57
C THR A 249 -45.21 -6.79 -3.05
N ALA A 250 -45.66 -5.54 -3.14
CA ALA A 250 -44.81 -4.47 -3.67
C ALA A 250 -43.55 -4.24 -2.86
N PRO A 251 -43.59 -4.16 -1.51
CA PRO A 251 -42.33 -3.97 -0.77
C PRO A 251 -41.33 -5.09 -1.02
N PHE A 252 -41.80 -6.33 -1.09
CA PHE A 252 -40.90 -7.45 -1.30
C PHE A 252 -40.33 -7.45 -2.72
N LEU A 253 -41.14 -7.10 -3.72
CA LEU A 253 -40.63 -7.02 -5.08
C LEU A 253 -39.59 -5.91 -5.22
N VAL A 254 -39.86 -4.74 -4.63
CA VAL A 254 -38.89 -3.64 -4.69
C VAL A 254 -37.61 -4.01 -3.96
N LEU A 255 -37.73 -4.68 -2.82
CA LEU A 255 -36.55 -5.10 -2.08
C LEU A 255 -35.75 -6.13 -2.88
N ALA A 256 -36.44 -7.03 -3.59
CA ALA A 256 -35.74 -7.99 -4.43
C ALA A 256 -34.99 -7.29 -5.57
N ALA A 257 -35.60 -6.25 -6.15
CA ALA A 257 -34.90 -5.48 -7.17
C ALA A 257 -33.65 -4.80 -6.60
N LEU A 258 -33.77 -4.22 -5.40
CA LEU A 258 -32.61 -3.62 -4.76
C LEU A 258 -31.54 -4.66 -4.49
N VAL A 259 -31.95 -5.88 -4.12
CA VAL A 259 -31.01 -6.96 -3.91
C VAL A 259 -30.28 -7.29 -5.22
N LEU A 260 -31.02 -7.34 -6.32
CA LEU A 260 -30.39 -7.62 -7.61
C LEU A 260 -29.36 -6.56 -7.96
N LEU A 261 -29.68 -5.28 -7.70
CA LEU A 261 -28.69 -4.23 -7.91
C LEU A 261 -27.46 -4.42 -7.02
N ASP A 262 -27.67 -4.83 -5.77
CA ASP A 262 -26.55 -5.06 -4.87
C ASP A 262 -25.64 -6.16 -5.40
N GLY A 263 -26.24 -7.24 -5.94
CA GLY A 263 -25.43 -8.30 -6.52
C GLY A 263 -24.71 -7.87 -7.77
N ALA A 264 -25.33 -7.01 -8.57
CA ALA A 264 -24.65 -6.45 -9.73
C ALA A 264 -23.42 -5.67 -9.30
N ILE A 265 -23.53 -4.88 -8.23
CA ILE A 265 -22.36 -4.20 -7.69
C ILE A 265 -21.33 -5.19 -7.19
N GLN A 266 -21.78 -6.26 -6.54
CA GLN A 266 -20.85 -7.25 -5.97
C GLN A 266 -20.04 -7.92 -7.07
N LEU A 267 -20.67 -8.22 -8.21
CA LEU A 267 -19.99 -8.99 -9.25
C LEU A 267 -18.80 -8.26 -9.87
N PHE A 268 -18.68 -6.94 -9.64
CA PHE A 268 -17.57 -6.17 -10.21
C PHE A 268 -16.42 -5.98 -9.23
N VAL A 269 -16.50 -6.52 -8.03
CA VAL A 269 -15.45 -6.32 -7.03
C VAL A 269 -14.79 -7.65 -6.66
N LEU A 270 -15.57 -8.74 -6.73
CA LEU A 270 -15.09 -10.04 -6.28
C LEU A 270 -15.05 -11.01 -7.46
N GLN A 271 -14.50 -12.20 -7.18
CA GLN A 271 -14.44 -13.30 -8.14
C GLN A 271 -14.99 -14.55 -7.46
N PRO A 272 -16.32 -14.67 -7.37
CA PRO A 272 -16.95 -15.80 -6.68
C PRO A 272 -16.99 -17.08 -7.51
N SER A 273 -15.85 -17.42 -8.12
CA SER A 273 -15.75 -18.60 -8.95
C SER A 273 -14.50 -19.43 -8.70
N ARG A 274 -13.58 -18.94 -7.88
CA ARG A 274 -12.32 -19.64 -7.60
C ARG A 274 -12.18 -19.86 -6.10
N VAL A 275 -11.64 -21.01 -5.73
CA VAL A 275 -11.43 -21.36 -4.33
C VAL A 275 -10.03 -20.94 -3.93
N GLN A 276 -9.93 -20.12 -2.90
CA GLN A 276 -8.66 -19.53 -2.45
C GLN A 276 -8.47 -19.83 -0.97
N PRO A 277 -8.02 -21.03 -0.63
CA PRO A 277 -7.76 -21.35 0.78
C PRO A 277 -6.68 -20.44 1.36
N GLU A 278 -6.85 -20.10 2.63
CA GLU A 278 -5.93 -19.19 3.28
C GLU A 278 -4.56 -19.84 3.48
N SER A 279 -3.52 -19.00 3.51
CA SER A 279 -2.15 -19.50 3.60
C SER A 279 -1.90 -20.21 4.93
N GLN A 280 -2.38 -19.65 6.03
CA GLN A 280 -2.15 -20.20 7.36
C GLN A 280 -3.44 -20.72 7.96
N LYS A 281 -3.34 -21.85 8.66
CA LYS A 281 -4.50 -22.44 9.31
C LYS A 281 -4.77 -21.74 10.64
N GLY A 282 -6.00 -21.28 10.81
CA GLY A 282 -6.35 -20.55 12.02
C GLY A 282 -6.45 -21.44 13.24
N THR A 283 -6.53 -20.79 14.39
CA THR A 283 -6.64 -21.50 15.65
C THR A 283 -8.01 -22.16 15.77
N PRO A 284 -8.09 -23.31 16.45
CA PRO A 284 -9.37 -23.98 16.62
C PRO A 284 -10.37 -23.11 17.39
N LEU A 285 -11.64 -23.30 17.07
CA LEU A 285 -12.70 -22.54 17.74
C LEU A 285 -12.74 -22.85 19.23
N THR A 286 -12.39 -24.07 19.63
CA THR A 286 -12.37 -24.43 21.04
C THR A 286 -11.27 -23.66 21.77
N THR A 287 -10.12 -23.47 21.13
CA THR A 287 -9.04 -22.70 21.74
C THR A 287 -9.45 -21.24 21.96
N LEU A 288 -10.15 -20.64 20.98
CA LEU A 288 -10.58 -19.26 21.12
C LEU A 288 -11.58 -19.11 22.25
N LEU A 289 -12.50 -20.07 22.39
CA LEU A 289 -13.52 -20.01 23.44
C LEU A 289 -12.94 -20.18 24.83
N LYS A 290 -11.68 -20.60 24.95
CA LYS A 290 -11.02 -20.70 26.25
C LYS A 290 -10.20 -19.46 26.58
N ASP A 291 -10.24 -18.44 25.73
CA ASP A 291 -9.49 -17.21 25.96
C ASP A 291 -10.34 -16.27 26.80
N PRO A 292 -9.92 -15.90 28.01
CA PRO A 292 -10.75 -15.01 28.84
C PRO A 292 -10.99 -13.65 28.21
N TYR A 293 -10.05 -13.13 27.45
CA TYR A 293 -10.18 -11.78 26.91
C TYR A 293 -11.11 -11.72 25.70
N ILE A 294 -11.39 -12.85 25.05
CA ILE A 294 -12.38 -12.89 23.99
C ILE A 294 -13.78 -13.09 24.57
N LEU A 295 -13.89 -13.93 25.60
CA LEU A 295 -15.16 -14.16 26.26
C LEU A 295 -15.70 -12.87 26.87
N ILE A 296 -14.82 -12.02 27.39
CA ILE A 296 -15.26 -10.78 28.02
C ILE A 296 -15.92 -9.85 27.00
N ALA A 297 -15.27 -9.69 25.83
CA ALA A 297 -15.86 -8.85 24.78
C ALA A 297 -17.15 -9.46 24.24
N ALA A 298 -17.18 -10.78 24.06
CA ALA A 298 -18.40 -11.43 23.58
C ALA A 298 -19.54 -11.25 24.57
N GLY A 299 -19.26 -11.39 25.86
CA GLY A 299 -20.28 -11.16 26.87
C GLY A 299 -20.71 -9.71 26.94
N SER A 300 -19.79 -8.78 26.75
CA SER A 300 -20.15 -7.37 26.68
C SER A 300 -21.18 -7.14 25.57
N ILE A 301 -20.89 -7.63 24.36
CA ILE A 301 -21.81 -7.45 23.25
C ILE A 301 -23.14 -8.13 23.54
N CYS A 302 -23.10 -9.36 24.06
CA CYS A 302 -24.33 -10.12 24.29
C CYS A 302 -25.21 -9.42 25.31
N PHE A 303 -24.65 -9.03 26.45
CA PHE A 303 -25.43 -8.41 27.51
C PHE A 303 -25.91 -7.03 27.11
N ALA A 304 -25.14 -6.31 26.30
CA ALA A 304 -25.59 -5.01 25.82
C ALA A 304 -26.78 -5.16 24.88
N ASN A 305 -26.68 -6.08 23.90
CA ASN A 305 -27.74 -6.20 22.90
C ASN A 305 -28.98 -6.88 23.46
N MET A 306 -28.83 -7.73 24.48
CA MET A 306 -29.99 -8.43 25.03
C MET A 306 -30.98 -7.44 25.62
N GLY A 307 -30.49 -6.34 26.20
CA GLY A 307 -31.39 -5.35 26.77
C GLY A 307 -32.30 -4.73 25.72
N ILE A 308 -31.73 -4.30 24.59
CA ILE A 308 -32.55 -3.73 23.54
C ILE A 308 -33.45 -4.79 22.91
N ALA A 309 -32.96 -6.03 22.81
CA ALA A 309 -33.75 -7.10 22.20
C ALA A 309 -34.98 -7.40 23.04
N MET A 310 -34.84 -7.40 24.37
CA MET A 310 -35.98 -7.63 25.24
C MET A 310 -36.84 -6.38 25.45
N LEU A 311 -36.28 -5.19 25.23
CA LEU A 311 -37.05 -3.97 25.44
C LEU A 311 -37.89 -3.60 24.22
N GLU A 312 -37.43 -3.94 23.02
CA GLU A 312 -38.15 -3.51 21.81
C GLU A 312 -39.58 -4.03 21.74
N PRO A 313 -39.86 -5.34 21.97
CA PRO A 313 -41.26 -5.79 21.90
C PRO A 313 -42.05 -5.48 23.15
N ALA A 314 -41.38 -5.42 24.30
CA ALA A 314 -42.08 -5.26 25.57
C ALA A 314 -42.55 -3.82 25.79
N LEU A 315 -41.86 -2.84 25.22
CA LEU A 315 -42.24 -1.44 25.44
C LEU A 315 -43.63 -1.10 24.91
N PRO A 316 -44.01 -1.48 23.68
CA PRO A 316 -45.37 -1.11 23.23
C PRO A 316 -46.48 -1.67 24.09
N ILE A 317 -46.32 -2.89 24.62
CA ILE A 317 -47.35 -3.48 25.47
C ILE A 317 -47.54 -2.64 26.74
N TRP A 318 -46.43 -2.28 27.38
CA TRP A 318 -46.50 -1.46 28.58
C TRP A 318 -47.07 -0.09 28.27
N MET A 319 -46.68 0.50 27.13
CA MET A 319 -47.20 1.82 26.77
C MET A 319 -48.70 1.79 26.53
N MET A 320 -49.20 0.75 25.84
CA MET A 320 -50.64 0.62 25.64
C MET A 320 -51.36 0.41 26.96
N GLU A 321 -50.78 -0.41 27.85
CA GLU A 321 -51.47 -0.72 29.10
C GLU A 321 -51.51 0.47 30.04
N THR A 322 -50.42 1.23 30.12
CA THR A 322 -50.29 2.30 31.10
C THR A 322 -50.62 3.67 30.53
N MET A 323 -49.93 4.07 29.46
CA MET A 323 -50.11 5.41 28.91
C MET A 323 -51.35 5.53 28.01
N CYS A 324 -51.94 4.41 27.61
CA CYS A 324 -53.08 4.41 26.69
C CYS A 324 -52.76 5.16 25.40
N SER A 325 -51.52 5.00 24.94
CA SER A 325 -51.05 5.74 23.77
C SER A 325 -51.68 5.19 22.50
N ARG A 326 -51.69 6.03 21.46
CA ARG A 326 -52.29 5.67 20.19
C ARG A 326 -51.35 4.78 19.39
N LYS A 327 -51.76 4.46 18.16
CA LYS A 327 -51.00 3.53 17.34
C LYS A 327 -49.68 4.13 16.87
N TRP A 328 -49.68 5.40 16.46
CA TRP A 328 -48.46 6.01 15.93
C TRP A 328 -47.45 6.29 17.03
N GLN A 329 -47.92 6.56 18.25
CA GLN A 329 -47.00 6.80 19.35
C GLN A 329 -46.17 5.56 19.67
N LEU A 330 -46.76 4.38 19.53
CA LEU A 330 -46.00 3.14 19.67
C LEU A 330 -44.82 3.13 18.72
N GLY A 331 -45.04 3.51 17.47
CA GLY A 331 -43.96 3.52 16.50
C GLY A 331 -42.92 4.60 16.78
N VAL A 332 -43.37 5.79 17.16
CA VAL A 332 -42.45 6.91 17.26
C VAL A 332 -41.68 6.91 18.59
N ALA A 333 -42.16 6.17 19.60
CA ALA A 333 -41.48 6.16 20.89
C ALA A 333 -40.06 5.60 20.78
N PHE A 334 -39.84 4.60 19.93
CA PHE A 334 -38.56 3.92 19.82
C PHE A 334 -37.67 4.53 18.74
N LEU A 335 -38.11 5.61 18.10
CA LEU A 335 -37.32 6.26 17.06
C LEU A 335 -35.99 6.81 17.59
N PRO A 336 -35.92 7.51 18.73
CA PRO A 336 -34.61 7.96 19.22
C PRO A 336 -33.63 6.83 19.47
N ALA A 337 -34.11 5.67 19.92
CA ALA A 337 -33.21 4.56 20.18
C ALA A 337 -32.53 4.04 18.92
N SER A 338 -33.09 4.32 17.74
CA SER A 338 -32.44 3.94 16.50
C SER A 338 -31.62 5.08 15.91
N ILE A 339 -32.11 6.31 16.01
CA ILE A 339 -31.34 7.45 15.50
C ILE A 339 -30.04 7.61 16.28
N SER A 340 -30.11 7.48 17.61
CA SER A 340 -28.91 7.60 18.43
C SER A 340 -27.92 6.49 18.15
N TYR A 341 -28.38 5.26 17.90
CA TYR A 341 -27.48 4.20 17.47
C TYR A 341 -26.79 4.54 16.16
N LEU A 342 -27.56 5.07 15.19
CA LEU A 342 -26.97 5.44 13.92
C LEU A 342 -25.89 6.50 14.10
N ILE A 343 -26.13 7.46 14.97
CA ILE A 343 -25.13 8.50 15.23
C ILE A 343 -23.90 7.91 15.92
N GLY A 344 -24.13 7.11 16.97
CA GLY A 344 -23.04 6.65 17.80
C GLY A 344 -22.10 5.68 17.11
N THR A 345 -22.66 4.73 16.35
CA THR A 345 -21.79 3.78 15.66
C THR A 345 -20.87 4.49 14.68
N ASN A 346 -21.36 5.54 14.02
CA ASN A 346 -20.52 6.29 13.09
C ASN A 346 -19.49 7.15 13.81
N ILE A 347 -19.88 7.79 14.92
CA ILE A 347 -18.96 8.77 15.51
C ILE A 347 -17.91 8.08 16.37
N PHE A 348 -18.27 7.04 17.12
CA PHE A 348 -17.34 6.48 18.09
C PHE A 348 -16.34 5.50 17.50
N GLY A 349 -16.52 5.08 16.25
CA GLY A 349 -15.52 4.24 15.62
C GLY A 349 -14.16 4.90 15.56
N ILE A 350 -14.12 6.22 15.51
CA ILE A 350 -12.87 6.96 15.54
C ILE A 350 -12.42 7.25 16.96
N LEU A 351 -13.35 7.67 17.82
CA LEU A 351 -12.98 8.09 19.17
C LEU A 351 -12.59 6.94 20.08
N ALA A 352 -13.01 5.71 19.77
CA ALA A 352 -12.70 4.60 20.65
C ALA A 352 -11.20 4.37 20.75
N HIS A 353 -10.50 4.39 19.61
CA HIS A 353 -9.05 4.19 19.63
C HIS A 353 -8.35 5.29 20.41
N LYS A 354 -8.87 6.51 20.36
CA LYS A 354 -8.23 7.63 21.05
C LYS A 354 -8.49 7.57 22.56
N MET A 355 -9.70 7.21 22.99
CA MET A 355 -10.03 7.24 24.40
C MET A 355 -9.83 5.91 25.11
N GLY A 356 -9.47 4.84 24.39
CA GLY A 356 -9.36 3.55 25.03
C GLY A 356 -10.61 2.73 24.82
N ARG A 357 -10.49 1.62 24.10
CA ARG A 357 -11.66 0.80 23.78
C ARG A 357 -12.27 0.20 25.04
N TRP A 358 -11.44 -0.21 25.99
CA TRP A 358 -11.95 -0.74 27.25
C TRP A 358 -12.77 0.31 27.98
N LEU A 359 -12.27 1.54 28.05
CA LEU A 359 -13.01 2.60 28.72
C LEU A 359 -14.30 2.93 27.98
N CYS A 360 -14.26 2.93 26.66
CA CYS A 360 -15.46 3.20 25.88
C CYS A 360 -16.53 2.15 26.16
N ALA A 361 -16.14 0.88 26.18
CA ALA A 361 -17.09 -0.19 26.46
C ALA A 361 -17.61 -0.13 27.89
N LEU A 362 -16.73 0.19 28.85
CA LEU A 362 -17.16 0.30 30.24
C LEU A 362 -18.20 1.40 30.39
N LEU A 363 -17.92 2.58 29.84
CA LEU A 363 -18.87 3.69 29.94
C LEU A 363 -20.15 3.37 29.19
N GLY A 364 -20.05 2.70 28.05
CA GLY A 364 -21.26 2.31 27.33
C GLY A 364 -22.14 1.38 28.14
N MET A 365 -21.54 0.38 28.78
CA MET A 365 -22.33 -0.53 29.60
C MET A 365 -22.98 0.19 30.77
N ILE A 366 -22.24 1.09 31.42
CA ILE A 366 -22.81 1.84 32.54
C ILE A 366 -23.99 2.70 32.07
N ILE A 367 -23.84 3.36 30.91
CA ILE A 367 -24.90 4.24 30.43
C ILE A 367 -26.12 3.43 30.02
N VAL A 368 -25.92 2.27 29.37
CA VAL A 368 -27.06 1.41 29.05
C VAL A 368 -27.79 1.00 30.32
N GLY A 369 -27.03 0.61 31.35
CA GLY A 369 -27.66 0.21 32.59
C GLY A 369 -28.48 1.31 33.21
N VAL A 370 -27.91 2.52 33.29
CA VAL A 370 -28.61 3.64 33.91
C VAL A 370 -29.85 4.02 33.11
N SER A 371 -29.74 4.05 31.79
CA SER A 371 -30.89 4.43 30.96
C SER A 371 -32.01 3.40 31.06
N ILE A 372 -31.67 2.11 31.04
CA ILE A 372 -32.71 1.09 31.15
C ILE A 372 -33.33 1.12 32.54
N LEU A 373 -32.54 1.41 33.57
CA LEU A 373 -33.12 1.58 34.91
C LEU A 373 -34.09 2.74 34.95
N CYS A 374 -33.77 3.83 34.25
CA CYS A 374 -34.62 5.02 34.27
C CYS A 374 -35.83 4.93 33.34
N ILE A 375 -35.84 3.98 32.41
CA ILE A 375 -36.97 3.88 31.47
C ILE A 375 -38.33 3.75 32.17
N PRO A 376 -38.52 2.86 33.14
CA PRO A 376 -39.86 2.69 33.73
C PRO A 376 -40.30 3.80 34.66
N PHE A 377 -39.62 4.94 34.68
CA PHE A 377 -40.02 6.08 35.49
C PHE A 377 -40.71 7.16 34.68
N ALA A 378 -41.11 6.86 33.45
CA ALA A 378 -41.73 7.82 32.55
C ALA A 378 -43.24 7.60 32.50
N LYS A 379 -43.98 8.70 32.58
CA LYS A 379 -45.44 8.64 32.55
C LYS A 379 -46.04 9.07 31.22
N ASN A 380 -45.30 9.81 30.40
CA ASN A 380 -45.78 10.29 29.10
C ASN A 380 -44.85 9.80 27.99
N ILE A 381 -45.21 10.14 26.76
CA ILE A 381 -44.33 9.87 25.64
C ILE A 381 -43.05 10.70 25.74
N TYR A 382 -43.15 11.89 26.32
CA TYR A 382 -41.98 12.76 26.43
C TYR A 382 -40.93 12.18 27.37
N GLY A 383 -41.33 11.33 28.30
CA GLY A 383 -40.38 10.73 29.22
C GLY A 383 -39.55 9.61 28.65
N LEU A 384 -39.88 9.14 27.44
CA LEU A 384 -39.15 8.06 26.79
C LEU A 384 -38.21 8.56 25.70
N ILE A 385 -38.01 9.87 25.59
CA ILE A 385 -37.14 10.40 24.54
C ILE A 385 -35.68 10.32 24.95
N ALA A 386 -35.36 10.70 26.18
CA ALA A 386 -33.98 10.74 26.64
C ALA A 386 -33.44 9.34 26.98
N PRO A 387 -34.15 8.52 27.75
CA PRO A 387 -33.62 7.17 28.03
C PRO A 387 -33.37 6.34 26.79
N ASN A 388 -34.25 6.41 25.79
CA ASN A 388 -34.04 5.68 24.55
C ASN A 388 -32.81 6.20 23.82
N PHE A 389 -32.62 7.52 23.83
CA PHE A 389 -31.42 8.10 23.22
C PHE A 389 -30.16 7.57 23.90
N GLY A 390 -30.15 7.54 25.23
CA GLY A 390 -29.00 7.02 25.93
C GLY A 390 -28.75 5.55 25.64
N VAL A 391 -29.83 4.76 25.61
CA VAL A 391 -29.70 3.33 25.33
C VAL A 391 -29.05 3.12 23.96
N GLY A 392 -29.59 3.79 22.93
CA GLY A 392 -29.05 3.62 21.60
C GLY A 392 -27.61 4.10 21.48
N PHE A 393 -27.32 5.27 22.05
CA PHE A 393 -25.98 5.83 21.98
C PHE A 393 -24.97 4.91 22.62
N ALA A 394 -25.27 4.42 23.82
CA ALA A 394 -24.29 3.60 24.54
C ALA A 394 -24.18 2.20 23.95
N ILE A 395 -25.25 1.66 23.38
CA ILE A 395 -25.14 0.38 22.68
C ILE A 395 -24.26 0.53 21.46
N GLY A 396 -24.41 1.64 20.72
CA GLY A 396 -23.50 1.91 19.62
C GLY A 396 -22.06 2.03 20.07
N MET A 397 -21.83 2.70 21.20
CA MET A 397 -20.49 2.80 21.76
C MET A 397 -19.90 1.42 22.02
N VAL A 398 -20.65 0.58 22.73
CA VAL A 398 -20.16 -0.76 23.07
C VAL A 398 -19.84 -1.56 21.80
N ASP A 399 -20.77 -1.55 20.85
CA ASP A 399 -20.57 -2.35 19.64
C ASP A 399 -19.36 -1.88 18.85
N SER A 400 -19.24 -0.55 18.66
CA SER A 400 -18.14 -0.04 17.85
C SER A 400 -16.80 -0.17 18.56
N SER A 401 -16.80 -0.24 19.89
CA SER A 401 -15.55 -0.43 20.61
C SER A 401 -15.14 -1.90 20.63
N MET A 402 -16.08 -2.82 20.82
CA MET A 402 -15.77 -4.24 20.96
C MET A 402 -15.81 -5.01 19.66
N MET A 403 -16.11 -4.36 18.54
CA MET A 403 -16.06 -5.09 17.28
C MET A 403 -14.62 -5.28 16.79
N PRO A 404 -13.79 -4.23 16.71
CA PRO A 404 -12.41 -4.44 16.25
C PRO A 404 -11.52 -5.11 17.28
N ILE A 405 -11.91 -5.12 18.55
CA ILE A 405 -11.06 -5.71 19.57
C ILE A 405 -10.94 -7.21 19.40
N MET A 406 -11.91 -7.85 18.75
CA MET A 406 -11.79 -9.28 18.47
C MET A 406 -10.63 -9.56 17.52
N GLY A 407 -10.56 -8.81 16.43
CA GLY A 407 -9.43 -8.94 15.52
C GLY A 407 -8.12 -8.55 16.18
N TYR A 408 -8.15 -7.50 17.00
CA TYR A 408 -6.93 -7.11 17.71
C TYR A 408 -6.44 -8.23 18.62
N LEU A 409 -7.35 -8.87 19.36
CA LEU A 409 -6.97 -9.92 20.28
C LEU A 409 -6.47 -11.15 19.54
N VAL A 410 -7.12 -11.51 18.43
CA VAL A 410 -6.67 -12.69 17.70
C VAL A 410 -5.31 -12.42 17.06
N ASP A 411 -5.04 -11.18 16.64
CA ASP A 411 -3.70 -10.84 16.18
C ASP A 411 -2.68 -10.90 17.31
N LEU A 412 -3.05 -10.40 18.50
CA LEU A 412 -2.09 -10.28 19.58
C LEU A 412 -1.73 -11.63 20.19
N ARG A 413 -2.71 -12.50 20.38
CA ARG A 413 -2.49 -13.73 21.13
C ARG A 413 -2.65 -15.01 20.32
N HIS A 414 -3.11 -14.95 19.08
CA HIS A 414 -3.39 -16.15 18.30
C HIS A 414 -2.91 -15.92 16.87
N VAL A 415 -3.35 -16.79 15.97
CA VAL A 415 -3.01 -16.68 14.55
C VAL A 415 -3.94 -15.66 13.91
N SER A 416 -3.38 -14.84 13.01
CA SER A 416 -4.12 -13.74 12.39
C SER A 416 -5.06 -14.29 11.31
N VAL A 417 -6.08 -15.01 11.77
CA VAL A 417 -7.15 -15.49 10.91
C VAL A 417 -8.47 -15.07 11.55
N TYR A 418 -9.27 -14.30 10.83
CA TYR A 418 -10.44 -13.64 11.39
C TYR A 418 -11.76 -14.32 11.05
N GLY A 419 -11.73 -15.45 10.34
CA GLY A 419 -12.97 -16.10 9.96
C GLY A 419 -13.74 -16.64 11.14
N SER A 420 -13.05 -17.30 12.08
CA SER A 420 -13.71 -18.00 13.17
C SER A 420 -13.83 -17.17 14.44
N VAL A 421 -13.27 -15.97 14.47
CA VAL A 421 -13.39 -15.14 15.67
C VAL A 421 -14.60 -14.21 15.60
N TYR A 422 -15.04 -13.87 14.39
CA TYR A 422 -16.24 -13.05 14.24
C TYR A 422 -17.51 -13.90 14.20
N ALA A 423 -17.39 -15.21 14.04
CA ALA A 423 -18.53 -16.09 14.29
C ALA A 423 -18.99 -16.00 15.74
N ILE A 424 -18.03 -15.89 16.66
CA ILE A 424 -18.37 -15.71 18.08
C ILE A 424 -19.11 -14.41 18.29
N ALA A 425 -18.63 -13.33 17.65
CA ALA A 425 -19.31 -12.04 17.77
C ALA A 425 -20.72 -12.10 17.21
N ASP A 426 -20.89 -12.77 16.07
CA ASP A 426 -22.22 -12.89 15.47
C ASP A 426 -23.15 -13.71 16.37
N VAL A 427 -22.61 -14.76 17.00
CA VAL A 427 -23.42 -15.53 17.95
C VAL A 427 -23.81 -14.69 19.14
N ALA A 428 -22.91 -13.82 19.59
CA ALA A 428 -23.22 -12.92 20.71
C ALA A 428 -24.33 -11.94 20.32
N PHE A 429 -24.28 -11.42 19.10
CA PHE A 429 -25.38 -10.57 18.63
C PHE A 429 -26.69 -11.35 18.54
N CYS A 430 -26.65 -12.57 18.00
CA CYS A 430 -27.87 -13.31 17.71
C CYS A 430 -28.52 -13.95 18.91
N MET A 431 -27.77 -14.18 20.01
CA MET A 431 -28.37 -14.79 21.19
C MET A 431 -29.50 -13.92 21.73
N GLY A 432 -29.28 -12.62 21.83
CA GLY A 432 -30.29 -11.74 22.39
C GLY A 432 -31.52 -11.65 21.52
N TYR A 433 -31.34 -11.57 20.21
CA TYR A 433 -32.49 -11.51 19.31
C TYR A 433 -33.22 -12.86 19.26
N ALA A 434 -32.51 -13.95 19.53
CA ALA A 434 -33.17 -15.25 19.58
C ALA A 434 -34.04 -15.39 20.82
N ILE A 435 -33.51 -15.03 21.99
CA ILE A 435 -34.23 -15.27 23.25
C ILE A 435 -34.79 -13.98 23.84
N GLY A 436 -34.97 -12.94 23.04
CA GLY A 436 -35.51 -11.69 23.52
C GLY A 436 -37.01 -11.68 23.73
N PRO A 437 -37.78 -11.84 22.64
CA PRO A 437 -39.24 -11.76 22.79
C PRO A 437 -39.80 -12.75 23.79
N SER A 438 -39.38 -14.01 23.74
CA SER A 438 -39.99 -15.04 24.60
C SER A 438 -39.66 -14.78 26.07
N ALA A 439 -38.39 -14.59 26.39
CA ALA A 439 -38.01 -14.36 27.78
C ALA A 439 -38.56 -13.05 28.30
N GLY A 440 -38.55 -12.01 27.47
CA GLY A 440 -39.12 -10.74 27.88
C GLY A 440 -40.59 -10.83 28.19
N GLY A 441 -41.35 -11.51 27.33
CA GLY A 441 -42.77 -11.69 27.58
C GLY A 441 -43.03 -12.51 28.83
N ALA A 442 -42.26 -13.58 29.01
CA ALA A 442 -42.45 -14.43 30.20
C ALA A 442 -42.16 -13.65 31.47
N ILE A 443 -41.07 -12.89 31.50
CA ILE A 443 -40.72 -12.14 32.71
C ILE A 443 -41.72 -11.00 32.94
N ALA A 444 -42.16 -10.35 31.87
CA ALA A 444 -43.14 -9.27 32.02
C ALA A 444 -44.46 -9.79 32.56
N LYS A 445 -44.89 -10.97 32.10
CA LYS A 445 -46.11 -11.56 32.65
C LYS A 445 -45.90 -12.06 34.07
N ALA A 446 -44.69 -12.50 34.40
CA ALA A 446 -44.43 -13.07 35.73
C ALA A 446 -44.35 -11.98 36.80
N ILE A 447 -43.39 -11.05 36.65
CA ILE A 447 -43.17 -10.04 37.66
C ILE A 447 -43.51 -8.63 37.18
N GLY A 448 -43.37 -8.34 35.89
CA GLY A 448 -43.74 -7.02 35.40
C GLY A 448 -42.65 -6.33 34.59
N PHE A 449 -43.05 -5.34 33.81
CA PHE A 449 -42.08 -4.59 32.99
C PHE A 449 -41.05 -3.84 33.83
N PRO A 450 -41.43 -3.07 34.88
CA PRO A 450 -40.39 -2.36 35.65
C PRO A 450 -39.35 -3.30 36.25
N TRP A 451 -39.76 -4.46 36.73
CA TRP A 451 -38.80 -5.39 37.33
C TRP A 451 -37.88 -5.97 36.26
N LEU A 452 -38.40 -6.24 35.06
CA LEU A 452 -37.55 -6.70 33.98
C LEU A 452 -36.51 -5.65 33.61
N MET A 453 -36.93 -4.38 33.51
CA MET A 453 -35.98 -3.32 33.19
C MET A 453 -34.93 -3.17 34.29
N THR A 454 -35.36 -3.26 35.55
CA THR A 454 -34.41 -3.17 36.66
C THR A 454 -33.40 -4.31 36.61
N ILE A 455 -33.87 -5.53 36.30
CA ILE A 455 -32.96 -6.67 36.20
C ILE A 455 -31.93 -6.44 35.11
N ILE A 456 -32.39 -5.99 33.93
CA ILE A 456 -31.46 -5.77 32.82
C ILE A 456 -30.43 -4.70 33.19
N GLY A 457 -30.89 -3.60 33.79
CA GLY A 457 -29.97 -2.54 34.17
C GLY A 457 -28.94 -2.98 35.18
N ILE A 458 -29.38 -3.73 36.20
CA ILE A 458 -28.46 -4.22 37.22
C ILE A 458 -27.43 -5.16 36.60
N ILE A 459 -27.89 -6.04 35.70
CA ILE A 459 -26.96 -6.97 35.05
C ILE A 459 -25.91 -6.21 34.26
N ASP A 460 -26.33 -5.21 33.48
CA ASP A 460 -25.38 -4.45 32.68
C ASP A 460 -24.39 -3.69 33.55
N ILE A 461 -24.88 -3.05 34.61
CA ILE A 461 -24.00 -2.27 35.48
C ILE A 461 -23.00 -3.19 36.18
N LEU A 462 -23.45 -4.37 36.61
CA LEU A 462 -22.55 -5.31 37.27
C LEU A 462 -21.52 -5.88 36.31
N PHE A 463 -21.89 -6.10 35.04
CA PHE A 463 -20.94 -6.60 34.08
C PHE A 463 -19.94 -5.55 33.62
N ALA A 464 -20.31 -4.26 33.71
CA ALA A 464 -19.43 -3.20 33.24
C ALA A 464 -18.00 -3.24 33.78
N PRO A 465 -17.74 -3.49 35.07
CA PRO A 465 -16.35 -3.48 35.54
C PRO A 465 -15.46 -4.55 34.91
N LEU A 466 -16.04 -5.59 34.31
CA LEU A 466 -15.23 -6.65 33.73
C LEU A 466 -14.43 -6.17 32.52
N CYS A 467 -14.79 -5.03 31.93
CA CYS A 467 -14.07 -4.52 30.76
C CYS A 467 -12.70 -3.96 31.13
N PHE A 468 -12.39 -3.83 32.41
CA PHE A 468 -11.07 -3.33 32.82
C PHE A 468 -9.94 -4.25 32.40
N PHE A 469 -10.22 -5.54 32.22
CA PHE A 469 -9.19 -6.51 31.89
C PHE A 469 -8.75 -6.46 30.44
N LEU A 470 -9.42 -5.66 29.60
CA LEU A 470 -9.09 -5.56 28.19
C LEU A 470 -8.19 -4.37 27.88
N ARG A 471 -7.68 -3.67 28.90
CA ARG A 471 -6.84 -2.52 28.64
C ARG A 471 -5.42 -2.91 28.23
N SER A 472 -4.95 -4.08 28.69
CA SER A 472 -3.61 -4.53 28.34
C SER A 472 -3.49 -6.03 28.52
N PRO A 473 -4.06 -6.84 27.61
CA PRO A 473 -3.91 -8.29 27.73
C PRO A 473 -2.47 -8.71 27.45
N PRO A 474 -2.01 -9.80 28.05
CA PRO A 474 -0.66 -10.29 27.73
C PRO A 474 -0.54 -10.67 26.26
N ALA A 475 0.66 -10.51 25.73
CA ALA A 475 0.90 -10.79 24.32
C ALA A 475 1.07 -12.28 24.10
N LYS A 476 1.48 -12.66 22.89
CA LYS A 476 1.62 -14.06 22.52
C LYS A 476 2.81 -14.71 23.22
N ASP B 7 -1.42 18.12 -5.72
CA ASP B 7 -0.88 16.78 -5.66
C ASP B 7 -0.34 16.46 -4.26
N ILE B 8 -0.25 15.18 -3.94
CA ILE B 8 0.27 14.73 -2.66
C ILE B 8 1.76 14.44 -2.83
N VAL B 9 2.59 15.17 -2.09
CA VAL B 9 4.04 15.03 -2.16
C VAL B 9 4.49 14.06 -1.08
N MET B 10 5.14 12.97 -1.49
CA MET B 10 5.69 11.99 -0.56
C MET B 10 7.14 12.33 -0.31
N THR B 11 7.42 12.98 0.81
CA THR B 11 8.77 13.43 1.12
C THR B 11 9.56 12.30 1.75
N GLN B 12 10.64 11.89 1.10
CA GLN B 12 11.58 10.91 1.63
C GLN B 12 12.86 11.67 1.98
N SER B 13 13.21 11.67 3.26
CA SER B 13 14.13 12.68 3.78
C SER B 13 15.55 12.46 3.29
N GLN B 14 16.15 11.32 3.63
CA GLN B 14 17.57 11.11 3.44
C GLN B 14 17.83 10.30 2.18
N LYS B 15 18.65 10.85 1.28
CA LYS B 15 18.94 10.21 0.00
C LYS B 15 19.86 9.01 0.16
N PHE B 16 20.90 9.13 0.98
CA PHE B 16 21.87 8.06 1.20
C PHE B 16 21.94 7.73 2.68
N MET B 17 22.01 6.45 3.00
CA MET B 17 22.12 5.98 4.37
C MET B 17 23.22 4.93 4.46
N SER B 18 24.05 5.02 5.51
CA SER B 18 25.15 4.11 5.73
C SER B 18 24.79 3.15 6.86
N THR B 19 24.95 1.85 6.62
CA THR B 19 24.62 0.82 7.58
C THR B 19 25.78 -0.16 7.70
N SER B 20 25.59 -1.16 8.56
CA SER B 20 26.53 -2.25 8.72
C SER B 20 25.76 -3.57 8.73
N VAL B 21 26.44 -4.64 8.33
CA VAL B 21 25.79 -5.95 8.26
C VAL B 21 25.46 -6.40 9.67
N GLY B 22 24.18 -6.69 9.91
CA GLY B 22 23.71 -7.09 11.22
C GLY B 22 23.03 -6.01 12.02
N ASP B 23 22.99 -4.78 11.52
CA ASP B 23 22.37 -3.67 12.24
C ASP B 23 20.92 -3.51 11.82
N ARG B 24 20.24 -2.53 12.40
CA ARG B 24 18.86 -2.21 12.08
C ARG B 24 18.79 -0.85 11.39
N VAL B 25 17.99 -0.78 10.33
CA VAL B 25 17.85 0.47 9.56
C VAL B 25 16.37 0.78 9.41
N SER B 26 16.04 2.08 9.40
CA SER B 26 14.68 2.55 9.24
C SER B 26 14.65 3.67 8.21
N ILE B 27 13.72 3.57 7.27
CA ILE B 27 13.56 4.55 6.20
C ILE B 27 12.17 5.16 6.32
N THR B 28 12.11 6.48 6.28
CA THR B 28 10.86 7.21 6.54
C THR B 28 10.36 7.87 5.26
N CYS B 29 9.03 7.95 5.17
CA CYS B 29 8.34 8.55 4.02
C CYS B 29 7.12 9.28 4.57
N LYS B 30 7.07 10.60 4.38
CA LYS B 30 6.04 11.43 4.96
C LYS B 30 5.06 11.89 3.90
N ALA B 31 3.77 11.65 4.13
CA ALA B 31 2.75 12.09 3.20
C ALA B 31 2.44 13.56 3.42
N SER B 32 1.58 14.11 2.56
CA SER B 32 1.23 15.51 2.60
C SER B 32 -0.24 15.79 2.87
N GLN B 33 -1.15 14.91 2.43
CA GLN B 33 -2.58 15.15 2.57
C GLN B 33 -3.29 13.92 3.10
N ASN B 34 -2.72 13.29 4.14
CA ASN B 34 -3.39 12.24 4.90
C ASN B 34 -3.80 11.07 4.00
N VAL B 35 -2.78 10.42 3.45
CA VAL B 35 -2.99 9.19 2.69
C VAL B 35 -3.17 8.05 3.69
N GLY B 36 -4.33 7.38 3.62
CA GLY B 36 -4.64 6.36 4.60
C GLY B 36 -4.28 4.95 4.17
N THR B 37 -3.11 4.48 4.62
CA THR B 37 -2.64 3.11 4.36
C THR B 37 -2.80 2.72 2.89
N ASP B 38 -2.58 3.69 2.00
CA ASP B 38 -2.58 3.46 0.56
C ASP B 38 -1.19 3.65 0.00
N VAL B 39 -0.19 3.16 0.73
CA VAL B 39 1.21 3.39 0.44
C VAL B 39 1.91 2.06 0.25
N SER B 40 2.74 1.98 -0.79
CA SER B 40 3.50 0.76 -1.09
C SER B 40 4.98 1.07 -1.11
N TRP B 41 5.78 0.08 -0.76
CA TRP B 41 7.24 0.18 -0.76
C TRP B 41 7.83 -0.73 -1.82
N TYR B 42 8.83 -0.22 -2.54
CA TYR B 42 9.49 -0.96 -3.59
C TYR B 42 11.00 -0.92 -3.39
N GLN B 43 11.65 -2.04 -3.73
CA GLN B 43 13.10 -2.17 -3.66
C GLN B 43 13.65 -2.44 -5.05
N GLN B 44 14.65 -1.66 -5.43
CA GLN B 44 15.33 -1.80 -6.72
C GLN B 44 16.80 -2.12 -6.46
N LYS B 45 17.20 -3.33 -6.83
CA LYS B 45 18.59 -3.74 -6.69
C LYS B 45 19.44 -3.03 -7.75
N PRO B 46 20.76 -2.98 -7.56
CA PRO B 46 21.59 -2.12 -8.43
C PRO B 46 21.45 -2.40 -9.92
N GLY B 47 21.25 -3.66 -10.31
CA GLY B 47 21.14 -3.96 -11.73
C GLY B 47 19.85 -4.66 -12.14
N LYS B 48 18.76 -4.37 -11.44
CA LYS B 48 17.49 -5.03 -11.69
C LYS B 48 16.35 -4.01 -11.64
N SER B 49 15.17 -4.46 -12.05
CA SER B 49 13.97 -3.65 -12.00
C SER B 49 13.35 -3.70 -10.60
N PRO B 50 12.55 -2.70 -10.24
CA PRO B 50 11.97 -2.68 -8.89
C PRO B 50 11.03 -3.84 -8.64
N LYS B 51 10.96 -4.26 -7.38
CA LYS B 51 10.04 -5.29 -6.92
C LYS B 51 9.36 -4.82 -5.64
N PRO B 52 8.08 -5.13 -5.46
CA PRO B 52 7.38 -4.70 -4.26
C PRO B 52 7.87 -5.42 -3.02
N LEU B 53 7.82 -4.72 -1.89
CA LEU B 53 8.15 -5.28 -0.58
C LEU B 53 6.96 -5.24 0.37
N ILE B 54 6.35 -4.07 0.54
CA ILE B 54 5.25 -3.86 1.47
C ILE B 54 4.08 -3.26 0.70
N TYR B 55 2.89 -3.84 0.88
CA TYR B 55 1.68 -3.30 0.28
C TYR B 55 0.69 -2.95 1.38
N TRP B 56 -0.09 -1.90 1.13
CA TRP B 56 -1.04 -1.35 2.09
C TRP B 56 -0.37 -0.86 3.37
N ALA B 57 0.93 -0.52 3.27
CA ALA B 57 1.70 0.18 4.30
C ALA B 57 2.00 -0.68 5.51
N SER B 58 1.42 -1.87 5.60
CA SER B 58 1.70 -2.76 6.72
C SER B 58 1.87 -4.22 6.35
N ASN B 59 1.47 -4.65 5.16
CA ASN B 59 1.49 -6.06 4.79
C ASN B 59 2.71 -6.38 3.95
N ARG B 60 3.30 -7.55 4.21
CA ARG B 60 4.53 -7.96 3.56
C ARG B 60 4.22 -8.82 2.34
N PHE B 61 4.84 -8.48 1.21
CA PHE B 61 4.62 -9.21 -0.02
C PHE B 61 5.12 -10.64 0.09
N THR B 62 4.54 -11.53 -0.70
CA THR B 62 4.90 -12.94 -0.64
C THR B 62 6.34 -13.14 -1.10
N GLY B 63 7.10 -13.93 -0.33
CA GLY B 63 8.49 -14.19 -0.61
C GLY B 63 9.46 -13.24 0.06
N VAL B 64 8.99 -12.09 0.53
CA VAL B 64 9.86 -11.14 1.21
C VAL B 64 10.27 -11.70 2.57
N PRO B 65 11.53 -11.63 2.96
CA PRO B 65 11.95 -12.16 4.27
C PRO B 65 11.32 -11.39 5.42
N ASP B 66 11.36 -12.01 6.59
CA ASP B 66 10.75 -11.42 7.78
C ASP B 66 11.51 -10.22 8.30
N ARG B 67 12.71 -9.94 7.78
CA ARG B 67 13.46 -8.77 8.22
C ARG B 67 12.72 -7.48 7.90
N PHE B 68 12.15 -7.39 6.71
CA PHE B 68 11.45 -6.19 6.28
C PHE B 68 10.10 -6.09 6.96
N THR B 69 9.79 -4.92 7.50
CA THR B 69 8.48 -4.67 8.08
C THR B 69 8.10 -3.22 7.81
N GLY B 70 6.80 -2.95 7.85
CA GLY B 70 6.29 -1.63 7.59
C GLY B 70 5.32 -1.18 8.66
N SER B 71 5.33 0.12 8.92
CA SER B 71 4.47 0.69 9.96
C SER B 71 4.04 2.08 9.55
N ARG B 72 2.95 2.55 10.16
CA ARG B 72 2.40 3.87 9.90
C ARG B 72 2.05 4.54 11.23
N SER B 73 2.35 5.83 11.32
CA SER B 73 1.99 6.64 12.49
C SER B 73 1.49 7.99 11.97
N GLY B 74 0.19 8.07 11.72
CA GLY B 74 -0.39 9.27 11.13
C GLY B 74 -0.12 9.35 9.64
N THR B 75 0.66 10.35 9.22
CA THR B 75 1.06 10.49 7.84
C THR B 75 2.50 10.05 7.61
N ASP B 76 3.13 9.42 8.59
CA ASP B 76 4.51 8.98 8.51
C ASP B 76 4.54 7.47 8.34
N PHE B 77 5.29 6.99 7.35
CA PHE B 77 5.40 5.57 7.05
C PHE B 77 6.86 5.17 7.19
N THR B 78 7.10 4.04 7.84
CA THR B 78 8.45 3.59 8.15
C THR B 78 8.65 2.17 7.66
N LEU B 79 9.74 1.96 6.91
CA LEU B 79 10.19 0.64 6.51
C LEU B 79 11.41 0.28 7.35
N THR B 80 11.33 -0.82 8.08
CA THR B 80 12.37 -1.24 9.00
C THR B 80 12.98 -2.56 8.55
N ILE B 81 14.31 -2.60 8.50
CA ILE B 81 15.06 -3.83 8.26
C ILE B 81 15.81 -4.14 9.55
N SER B 82 15.44 -5.24 10.20
CA SER B 82 15.98 -5.56 11.51
C SER B 82 17.39 -6.12 11.43
N ASN B 83 17.68 -6.95 10.44
CA ASN B 83 18.98 -7.62 10.29
C ASN B 83 19.47 -7.38 8.87
N VAL B 84 20.19 -6.27 8.66
CA VAL B 84 20.66 -5.92 7.33
C VAL B 84 21.69 -6.94 6.88
N GLN B 85 21.53 -7.43 5.66
CA GLN B 85 22.46 -8.39 5.04
C GLN B 85 23.09 -7.75 3.82
N SER B 86 23.99 -8.51 3.17
CA SER B 86 24.72 -8.00 2.02
C SER B 86 23.83 -7.78 0.81
N GLU B 87 22.69 -8.48 0.73
CA GLU B 87 21.78 -8.32 -0.39
C GLU B 87 20.69 -7.30 -0.13
N ASP B 88 20.71 -6.63 1.02
CA ASP B 88 19.75 -5.58 1.33
C ASP B 88 20.22 -4.19 0.93
N LEU B 89 21.39 -4.09 0.30
CA LEU B 89 21.92 -2.81 -0.15
C LEU B 89 21.33 -2.51 -1.52
N ALA B 90 20.34 -1.63 -1.57
CA ALA B 90 19.62 -1.31 -2.80
C ALA B 90 18.89 0.00 -2.60
N ASP B 91 18.04 0.36 -3.56
CA ASP B 91 17.22 1.56 -3.47
C ASP B 91 15.83 1.20 -2.98
N TYR B 92 15.25 2.07 -2.15
CA TYR B 92 13.91 1.87 -1.61
C TYR B 92 13.10 3.12 -1.84
N PHE B 93 11.87 2.98 -2.34
CA PHE B 93 11.02 4.14 -2.53
C PHE B 93 9.56 3.80 -2.22
N CYS B 94 8.82 4.84 -1.87
CA CYS B 94 7.43 4.75 -1.46
C CYS B 94 6.53 5.39 -2.51
N GLU B 95 5.38 4.75 -2.77
CA GLU B 95 4.35 5.36 -3.60
C GLU B 95 3.07 5.47 -2.81
N GLN B 96 2.25 6.46 -3.19
CA GLN B 96 0.88 6.59 -2.73
C GLN B 96 -0.04 6.57 -3.93
N TYR B 97 -1.15 5.85 -3.81
CA TYR B 97 -2.16 5.79 -4.87
C TYR B 97 -3.54 6.15 -4.35
N SER B 98 -3.61 6.90 -3.25
CA SER B 98 -4.89 7.35 -2.73
C SER B 98 -5.60 8.27 -3.69
N SER B 99 -4.87 9.18 -4.33
CA SER B 99 -5.44 10.14 -5.26
C SER B 99 -4.53 10.29 -6.47
N TYR B 100 -5.13 10.33 -7.65
CA TYR B 100 -4.36 10.58 -8.86
C TYR B 100 -3.85 12.01 -8.87
N PRO B 101 -2.66 12.25 -9.44
CA PRO B 101 -1.72 11.29 -10.04
C PRO B 101 -0.93 10.51 -9.00
N LEU B 102 -0.38 9.36 -9.36
CA LEU B 102 0.52 8.65 -8.47
C LEU B 102 1.81 9.44 -8.27
N THR B 103 2.29 9.47 -7.03
CA THR B 103 3.53 10.16 -6.70
C THR B 103 4.45 9.22 -5.95
N PHE B 104 5.72 9.24 -6.32
CA PHE B 104 6.75 8.42 -5.70
C PHE B 104 7.69 9.30 -4.90
N GLY B 105 8.12 8.82 -3.74
CA GLY B 105 9.17 9.49 -3.00
C GLY B 105 10.53 9.25 -3.63
N ALA B 106 11.42 10.22 -3.47
CA ALA B 106 12.79 10.07 -3.95
C ALA B 106 13.47 8.92 -3.23
N GLY B 107 14.16 8.08 -3.99
CA GLY B 107 14.67 6.84 -3.43
C GLY B 107 15.71 7.07 -2.36
N THR B 108 15.95 6.02 -1.58
CA THR B 108 16.99 5.99 -0.56
C THR B 108 17.90 4.81 -0.82
N LYS B 109 19.21 5.05 -0.83
CA LYS B 109 20.20 4.03 -1.15
C LYS B 109 20.94 3.61 0.11
N LEU B 110 21.03 2.31 0.34
CA LEU B 110 21.76 1.76 1.47
C LEU B 110 23.21 1.48 1.07
N GLU B 111 24.14 1.87 1.94
CA GLU B 111 25.56 1.72 1.68
C GLU B 111 26.24 1.18 2.94
N LEU B 112 27.37 0.52 2.74
CA LEU B 112 28.14 -0.01 3.85
C LEU B 112 28.92 1.11 4.54
N LYS B 113 29.43 0.79 5.73
CA LYS B 113 30.23 1.70 6.53
C LYS B 113 31.61 1.10 6.75
N ARG B 114 32.60 1.97 6.83
CA ARG B 114 33.98 1.54 7.06
C ARG B 114 34.76 2.72 7.61
N ALA B 115 36.03 2.47 7.94
CA ALA B 115 36.89 3.50 8.50
C ALA B 115 37.20 4.57 7.46
N ASP B 116 37.38 5.80 7.94
CA ASP B 116 37.71 6.90 7.04
C ASP B 116 39.07 6.69 6.41
N ALA B 117 39.17 6.99 5.12
CA ALA B 117 40.40 6.84 4.36
C ALA B 117 40.69 8.12 3.60
N ALA B 118 41.93 8.61 3.71
CA ALA B 118 42.31 9.80 2.97
C ALA B 118 42.49 9.48 1.49
N PRO B 119 42.03 10.33 0.59
CA PRO B 119 42.15 10.05 -0.83
C PRO B 119 43.59 10.11 -1.30
N THR B 120 43.89 9.28 -2.31
CA THR B 120 45.16 9.32 -3.00
C THR B 120 44.99 10.18 -4.25
N VAL B 121 45.88 11.16 -4.42
CA VAL B 121 45.74 12.21 -5.42
C VAL B 121 46.81 12.01 -6.47
N SER B 122 46.41 12.00 -7.73
CA SER B 122 47.35 11.86 -8.84
C SER B 122 46.99 12.86 -9.93
N ILE B 123 48.01 13.47 -10.53
CA ILE B 123 47.81 14.48 -11.57
C ILE B 123 48.58 14.07 -12.81
N PHE B 124 47.96 14.28 -13.97
CA PHE B 124 48.52 13.86 -15.26
C PHE B 124 48.43 15.02 -16.24
N PRO B 125 49.54 15.46 -16.82
CA PRO B 125 49.50 16.54 -17.82
C PRO B 125 49.01 16.02 -19.16
N PRO B 126 48.74 16.91 -20.11
CA PRO B 126 48.27 16.44 -21.43
C PRO B 126 49.31 15.57 -22.12
N SER B 127 48.81 14.58 -22.86
CA SER B 127 49.67 13.69 -23.62
C SER B 127 50.21 14.39 -24.86
N SER B 128 51.27 13.80 -25.43
CA SER B 128 51.86 14.37 -26.64
C SER B 128 50.90 14.26 -27.83
N GLU B 129 50.18 13.15 -27.93
CA GLU B 129 49.24 12.98 -29.05
C GLU B 129 48.15 14.03 -29.02
N GLN B 130 47.62 14.33 -27.83
CA GLN B 130 46.60 15.37 -27.73
C GLN B 130 47.15 16.73 -28.09
N LEU B 131 48.38 17.03 -27.66
CA LEU B 131 48.99 18.30 -28.00
C LEU B 131 49.20 18.44 -29.51
N THR B 132 49.58 17.35 -30.17
CA THR B 132 49.73 17.39 -31.62
C THR B 132 48.41 17.63 -32.33
N SER B 133 47.28 17.35 -31.67
CA SER B 133 45.96 17.59 -32.24
C SER B 133 45.36 18.93 -31.84
N GLY B 134 46.10 19.75 -31.10
CA GLY B 134 45.62 21.06 -30.70
C GLY B 134 44.76 21.10 -29.47
N GLY B 135 44.66 20.01 -28.72
CA GLY B 135 43.87 19.96 -27.50
C GLY B 135 44.73 19.61 -26.31
N ALA B 136 44.38 20.16 -25.15
CA ALA B 136 45.09 19.90 -23.91
C ALA B 136 44.10 19.50 -22.83
N SER B 137 44.46 18.48 -22.06
CA SER B 137 43.61 18.00 -20.98
C SER B 137 44.48 17.57 -19.80
N VAL B 138 44.17 18.12 -18.63
CA VAL B 138 44.87 17.78 -17.39
C VAL B 138 43.92 16.96 -16.54
N VAL B 139 44.39 15.81 -16.05
CA VAL B 139 43.53 14.84 -15.37
C VAL B 139 43.96 14.73 -13.91
N CYS B 140 42.98 14.62 -13.02
CA CYS B 140 43.23 14.46 -11.59
C CYS B 140 42.40 13.30 -11.09
N PHE B 141 43.06 12.29 -10.53
CA PHE B 141 42.41 11.11 -9.97
C PHE B 141 42.47 11.19 -8.45
N LEU B 142 41.31 11.00 -7.82
CA LEU B 142 41.18 11.00 -6.36
C LEU B 142 40.60 9.64 -5.98
N ASN B 143 41.45 8.74 -5.47
CA ASN B 143 41.08 7.35 -5.32
C ASN B 143 41.03 6.94 -3.86
N ASN B 144 40.19 5.95 -3.55
CA ASN B 144 40.23 5.22 -2.29
C ASN B 144 40.02 6.12 -1.08
N PHE B 145 38.85 6.75 -1.02
CA PHE B 145 38.41 7.49 0.15
C PHE B 145 37.00 7.05 0.50
N TYR B 146 36.76 6.82 1.79
CA TYR B 146 35.44 6.31 2.17
C TYR B 146 34.37 7.41 2.20
N PRO B 147 34.55 8.51 2.92
CA PRO B 147 33.49 9.53 2.95
C PRO B 147 33.20 10.04 1.54
N LYS B 148 31.94 9.85 1.11
CA LYS B 148 31.57 10.15 -0.27
C LYS B 148 31.75 11.62 -0.60
N ASP B 149 31.51 12.50 0.36
CA ASP B 149 31.56 13.94 0.11
C ASP B 149 33.01 14.39 -0.01
N ILE B 150 33.43 14.75 -1.22
CA ILE B 150 34.75 15.29 -1.49
C ILE B 150 34.60 16.52 -2.36
N ASN B 151 35.58 17.42 -2.28
CA ASN B 151 35.60 18.62 -3.09
C ASN B 151 36.91 18.69 -3.86
N VAL B 152 36.85 19.14 -5.11
CA VAL B 152 38.03 19.29 -5.94
C VAL B 152 38.12 20.74 -6.41
N LYS B 153 39.35 21.20 -6.64
CA LYS B 153 39.56 22.59 -7.03
C LYS B 153 40.81 22.68 -7.89
N TRP B 154 40.69 23.37 -9.01
CA TRP B 154 41.79 23.55 -9.94
C TRP B 154 42.39 24.94 -9.81
N LYS B 155 43.70 25.03 -9.99
CA LYS B 155 44.41 26.30 -9.89
C LYS B 155 45.43 26.39 -11.03
N ILE B 156 45.50 27.57 -11.64
CA ILE B 156 46.48 27.87 -12.68
C ILE B 156 47.11 29.20 -12.29
N ASP B 157 48.26 29.14 -11.60
CA ASP B 157 48.90 30.33 -11.05
C ASP B 157 47.96 31.08 -10.11
N GLY B 158 47.13 30.33 -9.39
CA GLY B 158 46.12 30.91 -8.54
C GLY B 158 45.01 31.59 -9.32
N SER B 159 44.25 30.80 -10.09
CA SER B 159 43.21 31.34 -10.96
C SER B 159 41.80 30.95 -10.54
N GLU B 160 41.61 29.79 -9.91
CA GLU B 160 40.30 29.32 -9.49
C GLU B 160 39.34 29.21 -10.67
N ARG B 161 39.67 28.33 -11.59
CA ARG B 161 38.87 28.15 -12.80
C ARG B 161 37.70 27.21 -12.55
N GLN B 162 36.55 27.57 -13.10
CA GLN B 162 35.35 26.74 -13.01
C GLN B 162 34.84 26.26 -14.36
N ASN B 163 35.38 26.75 -15.47
CA ASN B 163 34.96 26.34 -16.80
C ASN B 163 35.86 25.24 -17.35
N GLY B 164 35.26 24.34 -18.11
CA GLY B 164 35.97 23.21 -18.67
C GLY B 164 36.21 22.07 -17.71
N VAL B 165 35.75 22.19 -16.47
CA VAL B 165 35.96 21.13 -15.47
C VAL B 165 34.87 20.08 -15.64
N LEU B 166 35.29 18.83 -15.81
CA LEU B 166 34.37 17.71 -16.02
C LEU B 166 34.66 16.66 -14.97
N ASN B 167 33.67 16.34 -14.15
CA ASN B 167 33.84 15.46 -13.01
C ASN B 167 33.03 14.19 -13.18
N SER B 168 33.63 13.06 -12.81
CA SER B 168 32.97 11.76 -12.84
C SER B 168 33.21 11.04 -11.52
N TRP B 169 32.16 10.40 -11.01
CA TRP B 169 32.19 9.74 -9.71
C TRP B 169 31.90 8.26 -9.85
N THR B 170 32.62 7.46 -9.06
CA THR B 170 32.43 6.02 -9.02
C THR B 170 31.55 5.64 -7.84
N ASP B 171 30.73 4.60 -8.04
CA ASP B 171 29.93 4.05 -6.96
C ASP B 171 30.84 3.36 -5.93
N GLN B 172 30.24 2.90 -4.84
CA GLN B 172 31.01 2.26 -3.78
C GLN B 172 31.64 0.97 -4.29
N ASP B 173 32.92 0.78 -3.97
CA ASP B 173 33.63 -0.42 -4.38
C ASP B 173 33.05 -1.65 -3.70
N SER B 174 32.95 -2.74 -4.44
CA SER B 174 32.45 -3.98 -3.85
C SER B 174 33.49 -4.63 -2.94
N LYS B 175 34.75 -4.62 -3.36
CA LYS B 175 35.80 -5.26 -2.58
C LYS B 175 36.22 -4.43 -1.38
N ASP B 176 36.26 -3.10 -1.53
CA ASP B 176 36.87 -2.23 -0.54
C ASP B 176 35.86 -1.31 0.14
N SER B 177 34.70 -1.07 -0.47
CA SER B 177 33.69 -0.13 0.06
C SER B 177 34.25 1.29 0.12
N THR B 178 34.96 1.69 -0.91
CA THR B 178 35.57 3.01 -1.01
C THR B 178 35.21 3.64 -2.35
N TYR B 179 35.41 4.95 -2.46
CA TYR B 179 34.98 5.72 -3.62
C TYR B 179 36.17 6.27 -4.39
N SER B 180 35.88 6.77 -5.58
CA SER B 180 36.88 7.41 -6.42
C SER B 180 36.21 8.48 -7.27
N MET B 181 37.02 9.41 -7.77
CA MET B 181 36.54 10.48 -8.61
C MET B 181 37.62 10.90 -9.58
N SER B 182 37.21 11.37 -10.75
CA SER B 182 38.13 11.91 -11.75
C SER B 182 37.67 13.29 -12.16
N SER B 183 38.62 14.22 -12.28
CA SER B 183 38.35 15.59 -12.69
C SER B 183 39.25 15.94 -13.85
N THR B 184 38.66 16.38 -14.95
CA THR B 184 39.39 16.71 -16.17
C THR B 184 39.22 18.19 -16.48
N LEU B 185 40.34 18.87 -16.73
CA LEU B 185 40.34 20.26 -17.17
C LEU B 185 40.76 20.30 -18.63
N THR B 186 39.88 20.83 -19.48
CA THR B 186 40.11 20.86 -20.92
C THR B 186 40.42 22.29 -21.34
N LEU B 187 41.58 22.48 -21.98
CA LEU B 187 42.01 23.79 -22.45
C LEU B 187 42.56 23.65 -23.86
N THR B 188 42.50 24.75 -24.60
CA THR B 188 43.12 24.78 -25.92
C THR B 188 44.64 24.76 -25.79
N LYS B 189 45.30 24.36 -26.87
CA LYS B 189 46.76 24.28 -26.85
C LYS B 189 47.38 25.65 -26.64
N ASP B 190 46.82 26.68 -27.27
CA ASP B 190 47.36 28.03 -27.10
C ASP B 190 47.23 28.50 -25.65
N GLU B 191 46.08 28.24 -25.04
CA GLU B 191 45.90 28.63 -23.64
C GLU B 191 46.81 27.82 -22.73
N TYR B 192 46.99 26.52 -23.02
CA TYR B 192 47.86 25.69 -22.19
C TYR B 192 49.31 26.15 -22.27
N GLU B 193 49.77 26.54 -23.46
CA GLU B 193 51.15 26.96 -23.62
C GLU B 193 51.45 28.29 -22.93
N ARG B 194 50.42 29.11 -22.69
CA ARG B 194 50.67 30.43 -22.09
C ARG B 194 51.04 30.31 -20.62
N HIS B 195 50.33 29.48 -19.86
CA HIS B 195 50.55 29.37 -18.43
C HIS B 195 51.66 28.37 -18.12
N ASN B 196 52.09 28.36 -16.85
CA ASN B 196 53.24 27.57 -16.44
C ASN B 196 52.89 26.49 -15.42
N SER B 197 52.24 26.84 -14.32
CA SER B 197 52.00 25.93 -13.21
C SER B 197 50.55 25.52 -13.15
N TYR B 198 50.31 24.23 -12.89
CA TYR B 198 48.96 23.68 -12.77
C TYR B 198 48.86 22.94 -11.45
N THR B 199 47.70 23.03 -10.81
CA THR B 199 47.51 22.44 -9.48
C THR B 199 46.10 21.90 -9.35
N CYS B 200 45.99 20.71 -8.75
CA CYS B 200 44.71 20.11 -8.40
C CYS B 200 44.72 19.83 -6.91
N GLU B 201 43.75 20.36 -6.18
CA GLU B 201 43.71 20.19 -4.73
C GLU B 201 42.35 19.66 -4.30
N ALA B 202 42.38 18.73 -3.35
CA ALA B 202 41.18 18.06 -2.87
C ALA B 202 40.94 18.41 -1.42
N THR B 203 39.71 18.80 -1.10
CA THR B 203 39.26 19.04 0.27
C THR B 203 38.39 17.88 0.71
N HIS B 204 38.75 17.28 1.84
CA HIS B 204 38.07 16.09 2.34
C HIS B 204 37.91 16.20 3.85
N LYS B 205 37.03 15.37 4.40
CA LYS B 205 36.77 15.38 5.84
C LYS B 205 37.97 14.90 6.64
N THR B 206 38.75 13.97 6.10
CA THR B 206 39.82 13.34 6.88
C THR B 206 40.87 14.37 7.31
N SER B 207 41.26 15.28 6.42
CA SER B 207 42.28 16.27 6.72
C SER B 207 41.74 17.65 6.43
N THR B 208 41.91 18.57 7.40
CA THR B 208 41.48 19.95 7.18
C THR B 208 42.28 20.61 6.07
N SER B 209 43.58 20.37 6.03
CA SER B 209 44.42 20.93 4.98
C SER B 209 44.18 20.16 3.68
N PRO B 210 43.82 20.83 2.59
CA PRO B 210 43.58 20.11 1.33
C PRO B 210 44.85 19.49 0.80
N ILE B 211 44.70 18.36 0.11
CA ILE B 211 45.83 17.67 -0.49
C ILE B 211 46.07 18.26 -1.88
N VAL B 212 47.29 18.71 -2.13
CA VAL B 212 47.63 19.44 -3.35
C VAL B 212 48.58 18.58 -4.19
N LYS B 213 48.32 18.53 -5.50
CA LYS B 213 49.24 17.92 -6.45
C LYS B 213 49.43 18.90 -7.60
N SER B 214 50.66 19.34 -7.82
CA SER B 214 50.95 20.39 -8.78
C SER B 214 52.13 19.99 -9.65
N PHE B 215 52.19 20.61 -10.83
CA PHE B 215 53.30 20.39 -11.75
C PHE B 215 53.51 21.66 -12.57
N ASN B 216 54.65 21.68 -13.26
CA ASN B 216 55.05 22.80 -14.10
C ASN B 216 55.22 22.33 -15.53
N ARG B 217 54.90 23.22 -16.48
CA ARG B 217 55.04 22.87 -17.88
C ARG B 217 56.51 22.73 -18.29
N ASN B 218 57.41 23.40 -17.58
CA ASN B 218 58.83 23.35 -17.91
C ASN B 218 59.46 22.00 -17.62
N GLU B 219 58.80 21.13 -16.86
CA GLU B 219 59.34 19.82 -16.54
C GLU B 219 59.46 18.94 -17.78
N GLU C 9 5.31 -17.97 -17.02
CA GLU C 9 5.99 -16.91 -16.27
C GLU C 9 5.65 -15.53 -16.83
N VAL C 10 5.30 -14.60 -15.94
CA VAL C 10 4.94 -13.26 -16.37
C VAL C 10 6.21 -12.50 -16.75
N LYS C 11 6.19 -11.89 -17.94
CA LYS C 11 7.38 -11.21 -18.44
C LYS C 11 6.97 -10.01 -19.28
N LEU C 12 7.52 -8.84 -18.93
CA LEU C 12 7.37 -7.61 -19.72
C LEU C 12 8.75 -7.23 -20.22
N GLN C 13 8.96 -7.32 -21.54
CA GLN C 13 10.26 -7.03 -22.13
C GLN C 13 10.20 -5.70 -22.87
N GLU C 14 11.28 -4.92 -22.74
CA GLU C 14 11.39 -3.60 -23.32
C GLU C 14 12.68 -3.50 -24.13
N SER C 15 12.70 -2.55 -25.06
CA SER C 15 13.90 -2.27 -25.82
C SER C 15 15.00 -1.74 -24.92
N GLY C 16 16.25 -2.08 -25.25
CA GLY C 16 17.36 -1.72 -24.38
C GLY C 16 17.61 -0.23 -24.32
N ALA C 17 17.67 0.43 -25.47
CA ALA C 17 17.96 1.86 -25.52
C ALA C 17 17.47 2.42 -26.84
N GLU C 18 17.23 3.74 -26.84
CA GLU C 18 16.76 4.43 -28.03
C GLU C 18 17.53 5.73 -28.19
N LEU C 19 17.87 6.05 -29.44
CA LEU C 19 18.53 7.30 -29.79
C LEU C 19 17.59 8.11 -30.68
N VAL C 20 17.31 9.35 -30.26
CA VAL C 20 16.34 10.19 -30.94
C VAL C 20 16.89 11.60 -31.08
N LYS C 21 16.66 12.20 -32.25
CA LYS C 21 17.06 13.57 -32.49
C LYS C 21 16.14 14.53 -31.73
N PRO C 22 16.62 15.73 -31.40
CA PRO C 22 15.75 16.72 -30.77
C PRO C 22 14.60 17.12 -31.68
N GLY C 23 13.45 17.37 -31.07
CA GLY C 23 12.25 17.71 -31.84
C GLY C 23 11.73 16.58 -32.70
N ALA C 24 11.77 15.35 -32.20
CA ALA C 24 11.26 14.20 -32.93
C ALA C 24 10.58 13.25 -31.97
N SER C 25 9.62 12.50 -32.48
CA SER C 25 8.83 11.58 -31.67
C SER C 25 9.49 10.22 -31.57
N VAL C 26 9.18 9.50 -30.49
CA VAL C 26 9.69 8.15 -30.30
C VAL C 26 8.55 7.27 -29.79
N LYS C 27 8.56 6.01 -30.21
CA LYS C 27 7.55 5.03 -29.79
C LYS C 27 8.24 3.90 -29.04
N LEU C 28 7.95 3.79 -27.75
CA LEU C 28 8.52 2.77 -26.89
C LEU C 28 7.54 1.60 -26.78
N SER C 29 8.08 0.38 -26.80
CA SER C 29 7.29 -0.83 -26.78
C SER C 29 7.49 -1.58 -25.48
N CYS C 30 6.47 -2.36 -25.10
CA CYS C 30 6.52 -3.20 -23.90
C CYS C 30 5.74 -4.47 -24.23
N LYS C 31 6.46 -5.55 -24.51
CA LYS C 31 5.82 -6.80 -24.90
C LYS C 31 5.54 -7.65 -23.67
N ALA C 32 4.32 -8.14 -23.56
CA ALA C 32 3.86 -8.89 -22.40
C ALA C 32 3.64 -10.36 -22.78
N SER C 33 4.06 -11.26 -21.89
CA SER C 33 3.87 -12.68 -22.11
C SER C 33 3.70 -13.38 -20.77
N GLY C 34 3.09 -14.56 -20.82
CA GLY C 34 2.90 -15.38 -19.64
C GLY C 34 1.58 -15.20 -18.92
N TYR C 35 0.67 -14.41 -19.46
CA TYR C 35 -0.62 -14.17 -18.82
C TYR C 35 -1.57 -13.58 -19.85
N THR C 36 -2.86 -13.54 -19.50
CA THR C 36 -3.85 -12.93 -20.37
C THR C 36 -3.64 -11.42 -20.39
N PHE C 37 -3.29 -10.90 -21.57
CA PHE C 37 -2.87 -9.51 -21.68
C PHE C 37 -3.99 -8.54 -21.33
N THR C 38 -5.21 -8.82 -21.80
CA THR C 38 -6.30 -7.87 -21.71
C THR C 38 -6.98 -7.82 -20.35
N SER C 39 -6.37 -8.40 -19.31
CA SER C 39 -7.03 -8.48 -18.01
C SER C 39 -6.34 -7.67 -16.92
N TYR C 40 -5.19 -7.06 -17.20
CA TYR C 40 -4.45 -6.29 -16.21
C TYR C 40 -4.05 -4.94 -16.77
N TRP C 41 -4.02 -3.93 -15.91
CA TRP C 41 -3.60 -2.61 -16.32
C TRP C 41 -2.09 -2.57 -16.54
N ILE C 42 -1.66 -1.64 -17.40
CA ILE C 42 -0.25 -1.42 -17.70
C ILE C 42 0.08 0.03 -17.33
N ASP C 43 1.16 0.21 -16.59
CA ASP C 43 1.57 1.52 -16.09
C ASP C 43 2.87 1.93 -16.75
N TRP C 44 2.93 3.16 -17.20
CA TRP C 44 4.15 3.75 -17.74
C TRP C 44 4.66 4.80 -16.77
N VAL C 45 5.95 4.70 -16.42
CA VAL C 45 6.59 5.54 -15.40
C VAL C 45 7.91 6.04 -15.98
N LYS C 46 8.37 7.19 -15.48
CA LYS C 46 9.60 7.82 -15.96
C LYS C 46 10.56 8.05 -14.79
N GLN C 47 11.84 7.79 -15.01
CA GLN C 47 12.89 8.04 -14.02
C GLN C 47 14.00 8.84 -14.67
N ARG C 48 14.15 10.08 -14.26
CA ARG C 48 15.27 10.90 -14.73
C ARG C 48 16.47 10.70 -13.81
N PRO C 49 17.68 10.51 -14.36
CA PRO C 49 18.82 10.20 -13.51
C PRO C 49 19.08 11.28 -12.47
N GLY C 50 19.32 10.84 -11.24
CA GLY C 50 19.51 11.75 -10.12
C GLY C 50 18.23 12.31 -9.54
N GLN C 51 17.07 11.85 -9.99
CA GLN C 51 15.79 12.36 -9.52
C GLN C 51 14.84 11.19 -9.26
N GLY C 52 13.68 11.52 -8.69
CA GLY C 52 12.71 10.50 -8.34
C GLY C 52 11.87 10.06 -9.52
N LEU C 53 11.08 9.00 -9.28
CA LEU C 53 10.23 8.45 -10.31
C LEU C 53 9.03 9.35 -10.56
N GLU C 54 8.56 9.35 -11.81
CA GLU C 54 7.40 10.15 -12.21
C GLU C 54 6.41 9.26 -12.93
N TRP C 55 5.18 9.24 -12.46
CA TRP C 55 4.12 8.43 -13.06
C TRP C 55 3.64 9.08 -14.35
N ILE C 56 3.63 8.32 -15.43
CA ILE C 56 3.20 8.83 -16.73
C ILE C 56 1.75 8.48 -17.02
N GLY C 57 1.36 7.22 -16.86
CA GLY C 57 -0.04 6.92 -17.12
C GLY C 57 -0.41 5.46 -16.94
N ASN C 58 -1.73 5.22 -17.03
CA ASN C 58 -2.37 3.92 -16.97
C ASN C 58 -3.01 3.61 -18.31
N ILE C 59 -3.04 2.34 -18.69
CA ILE C 59 -3.85 1.88 -19.81
C ILE C 59 -4.41 0.50 -19.50
N TYR C 60 -5.66 0.26 -19.90
CA TYR C 60 -6.28 -1.05 -19.76
C TYR C 60 -6.42 -1.69 -21.14
N PRO C 61 -5.67 -2.74 -21.46
CA PRO C 61 -5.69 -3.27 -22.83
C PRO C 61 -7.04 -3.77 -23.28
N GLY C 62 -7.92 -4.17 -22.36
CA GLY C 62 -9.24 -4.65 -22.73
C GLY C 62 -10.14 -3.56 -23.28
N ASN C 63 -10.49 -2.59 -22.45
CA ASN C 63 -11.33 -1.48 -22.87
C ASN C 63 -10.56 -0.40 -23.61
N SER C 64 -9.23 -0.43 -23.58
CA SER C 64 -8.38 0.62 -24.16
C SER C 64 -8.71 1.99 -23.54
N SER C 65 -8.94 2.00 -22.24
CA SER C 65 -9.23 3.22 -21.51
C SER C 65 -7.97 3.68 -20.77
N THR C 66 -7.65 4.96 -20.91
CA THR C 66 -6.37 5.49 -20.46
C THR C 66 -6.57 6.47 -19.31
N ASN C 67 -5.51 6.61 -18.50
CA ASN C 67 -5.43 7.65 -17.47
C ASN C 67 -4.09 8.35 -17.62
N TYR C 68 -4.11 9.68 -17.64
CA TYR C 68 -2.91 10.46 -17.91
C TYR C 68 -2.61 11.39 -16.73
N ASN C 69 -1.32 11.58 -16.46
CA ASN C 69 -0.89 12.65 -15.58
C ASN C 69 -1.04 13.98 -16.31
N GLU C 70 -1.61 14.97 -15.62
CA GLU C 70 -1.82 16.27 -16.25
C GLU C 70 -0.51 16.93 -16.67
N LYS C 71 0.60 16.51 -16.08
CA LYS C 71 1.92 16.98 -16.51
C LYS C 71 2.34 16.36 -17.84
N PHE C 72 1.79 15.20 -18.19
CA PHE C 72 2.22 14.45 -19.36
C PHE C 72 1.12 14.28 -20.40
N LYS C 73 0.08 15.13 -20.36
CA LYS C 73 -1.02 14.97 -21.31
C LYS C 73 -0.56 15.19 -22.75
N ASN C 74 0.19 16.25 -22.99
CA ASN C 74 0.63 16.57 -24.34
C ASN C 74 1.79 15.69 -24.79
N LYS C 75 2.67 15.31 -23.87
CA LYS C 75 3.89 14.59 -24.24
C LYS C 75 3.61 13.13 -24.58
N ALA C 76 2.81 12.44 -23.78
CA ALA C 76 2.69 10.99 -23.84
C ALA C 76 1.34 10.56 -24.40
N THR C 77 1.36 9.51 -25.22
CA THR C 77 0.14 8.89 -25.74
C THR C 77 0.28 7.38 -25.63
N LEU C 78 -0.65 6.73 -24.94
CA LEU C 78 -0.58 5.30 -24.69
C LEU C 78 -1.54 4.55 -25.60
N THR C 79 -1.04 3.50 -26.26
CA THR C 79 -1.86 2.65 -27.11
C THR C 79 -1.52 1.20 -26.83
N VAL C 80 -2.38 0.30 -27.31
CA VAL C 80 -2.26 -1.13 -27.07
C VAL C 80 -2.54 -1.89 -28.36
N ASP C 81 -1.70 -2.88 -28.67
CA ASP C 81 -1.93 -3.80 -29.78
C ASP C 81 -2.17 -5.18 -29.16
N THR C 82 -3.44 -5.60 -29.16
CA THR C 82 -3.82 -6.85 -28.51
C THR C 82 -3.56 -8.07 -29.38
N SER C 83 -3.34 -7.89 -30.68
CA SER C 83 -3.02 -9.03 -31.54
C SER C 83 -1.66 -9.62 -31.19
N SER C 84 -0.69 -8.77 -30.89
CA SER C 84 0.64 -9.20 -30.49
C SER C 84 0.92 -8.96 -29.02
N SER C 85 -0.07 -8.49 -28.26
CA SER C 85 0.06 -8.25 -26.82
C SER C 85 1.24 -7.32 -26.53
N THR C 86 1.15 -6.10 -27.05
CA THR C 86 2.19 -5.09 -26.89
C THR C 86 1.56 -3.80 -26.42
N ALA C 87 2.28 -3.06 -25.57
CA ALA C 87 1.86 -1.74 -25.13
C ALA C 87 2.84 -0.71 -25.65
N TYR C 88 2.33 0.33 -26.30
CA TYR C 88 3.14 1.37 -26.90
C TYR C 88 2.92 2.69 -26.20
N MET C 89 4.01 3.45 -26.02
CA MET C 89 3.94 4.81 -25.53
C MET C 89 4.67 5.72 -26.50
N GLN C 90 3.99 6.73 -27.01
CA GLN C 90 4.56 7.65 -27.97
C GLN C 90 4.82 8.99 -27.29
N LEU C 91 6.04 9.50 -27.46
CA LEU C 91 6.45 10.80 -26.94
C LEU C 91 6.72 11.73 -28.12
N SER C 92 6.12 12.92 -28.09
CA SER C 92 6.14 13.86 -29.19
C SER C 92 6.94 15.10 -28.82
N SER C 93 7.64 15.65 -29.82
CA SER C 93 8.43 16.88 -29.66
C SER C 93 9.41 16.75 -28.49
N LEU C 94 10.32 15.79 -28.64
CA LEU C 94 11.27 15.51 -27.57
C LEU C 94 12.33 16.60 -27.46
N THR C 95 12.69 16.92 -26.22
CA THR C 95 13.76 17.85 -25.91
C THR C 95 14.79 17.15 -25.02
N SER C 96 15.84 17.88 -24.66
CA SER C 96 16.89 17.29 -23.83
C SER C 96 16.40 16.93 -22.44
N ASP C 97 15.26 17.48 -22.01
CA ASP C 97 14.71 17.15 -20.70
C ASP C 97 14.14 15.74 -20.66
N ASP C 98 13.80 15.17 -21.82
CA ASP C 98 13.15 13.87 -21.88
C ASP C 98 14.13 12.70 -21.82
N SER C 99 15.44 12.96 -21.72
CA SER C 99 16.41 11.89 -21.56
C SER C 99 16.26 11.27 -20.18
N ALA C 100 15.72 10.06 -20.15
CA ALA C 100 15.44 9.36 -18.89
C ALA C 100 15.30 7.87 -19.17
N VAL C 101 14.87 7.12 -18.17
CA VAL C 101 14.62 5.69 -18.30
C VAL C 101 13.13 5.46 -18.07
N TYR C 102 12.48 4.82 -19.03
CA TYR C 102 11.04 4.63 -19.01
C TYR C 102 10.71 3.19 -18.66
N TYR C 103 9.86 3.01 -17.64
CA TYR C 103 9.55 1.72 -17.09
C TYR C 103 8.10 1.34 -17.39
N CYS C 104 7.90 0.06 -17.69
CA CYS C 104 6.59 -0.52 -17.96
C CYS C 104 6.29 -1.54 -16.87
N ALA C 105 5.14 -1.39 -16.22
CA ALA C 105 4.78 -2.22 -15.08
C ALA C 105 3.36 -2.75 -15.24
N ARG C 106 3.05 -3.80 -14.48
CA ARG C 106 1.74 -4.42 -14.51
C ARG C 106 1.12 -4.40 -13.11
N GLU C 107 -0.17 -4.08 -13.06
CA GLU C 107 -0.90 -4.02 -11.80
C GLU C 107 -1.53 -5.37 -11.49
N ASP C 108 -1.44 -5.79 -10.24
CA ASP C 108 -1.97 -7.06 -9.80
C ASP C 108 -3.12 -6.84 -8.83
N TYR C 109 -4.09 -7.75 -8.87
CA TYR C 109 -5.25 -7.70 -8.00
C TYR C 109 -5.02 -8.56 -6.76
N TYR C 110 -5.64 -8.15 -5.65
CA TYR C 110 -5.65 -8.98 -4.46
C TYR C 110 -6.40 -10.28 -4.74
N ASP C 111 -5.96 -11.36 -4.09
CA ASP C 111 -6.48 -12.68 -4.41
C ASP C 111 -7.97 -12.76 -4.15
N GLY C 112 -8.72 -13.21 -5.16
CA GLY C 112 -10.15 -13.34 -5.06
C GLY C 112 -10.94 -12.07 -5.25
N THR C 113 -10.27 -10.94 -5.48
CA THR C 113 -10.94 -9.66 -5.67
C THR C 113 -10.35 -8.97 -6.90
N TYR C 114 -10.85 -7.77 -7.19
CA TYR C 114 -10.34 -6.94 -8.28
C TYR C 114 -9.71 -5.65 -7.77
N VAL C 115 -9.34 -5.60 -6.50
CA VAL C 115 -8.75 -4.40 -5.92
C VAL C 115 -7.24 -4.43 -6.11
N TYR C 116 -6.66 -3.28 -6.41
CA TYR C 116 -5.23 -3.18 -6.68
C TYR C 116 -4.45 -3.08 -5.37
N TYR C 117 -3.32 -3.77 -5.30
CA TYR C 117 -2.51 -3.71 -4.10
C TYR C 117 -1.03 -3.42 -4.39
N ALA C 118 -0.53 -3.85 -5.55
CA ALA C 118 0.87 -3.60 -5.87
C ALA C 118 1.09 -3.79 -7.37
N MET C 119 2.21 -3.23 -7.85
CA MET C 119 2.70 -3.48 -9.21
C MET C 119 3.73 -4.60 -9.10
N ASP C 120 3.28 -5.84 -9.31
CA ASP C 120 4.10 -6.99 -8.98
C ASP C 120 5.22 -7.24 -9.98
N PHE C 121 4.99 -6.98 -11.26
CA PHE C 121 6.00 -7.21 -12.29
C PHE C 121 6.33 -5.92 -13.00
N TRP C 122 7.63 -5.62 -13.09
CA TRP C 122 8.14 -4.47 -13.82
C TRP C 122 9.02 -4.97 -14.96
N GLY C 123 9.05 -4.19 -16.04
CA GLY C 123 9.96 -4.46 -17.13
C GLY C 123 11.23 -3.64 -17.00
N GLN C 124 12.31 -4.14 -17.60
CA GLN C 124 13.54 -3.38 -17.61
C GLN C 124 13.36 -2.09 -18.39
N GLY C 125 14.02 -1.03 -17.93
CA GLY C 125 13.78 0.27 -18.51
C GLY C 125 14.33 0.42 -19.91
N THR C 126 13.88 1.48 -20.58
CA THR C 126 14.39 1.87 -21.89
C THR C 126 15.08 3.22 -21.74
N SER C 127 16.37 3.26 -22.06
CA SER C 127 17.16 4.48 -21.91
C SER C 127 17.03 5.30 -23.18
N VAL C 128 16.25 6.39 -23.11
CA VAL C 128 16.05 7.29 -24.23
C VAL C 128 17.00 8.47 -24.06
N THR C 129 17.80 8.73 -25.08
CA THR C 129 18.72 9.86 -25.09
C THR C 129 18.37 10.78 -26.24
N VAL C 130 18.31 12.08 -25.97
CA VAL C 130 17.94 13.06 -26.97
C VAL C 130 19.15 13.92 -27.32
N SER C 131 19.88 13.54 -28.36
CA SER C 131 21.06 14.26 -28.77
C SER C 131 21.08 14.39 -30.28
N SER C 132 21.62 15.50 -30.77
CA SER C 132 21.72 15.79 -32.19
C SER C 132 23.02 15.33 -32.82
N ALA C 133 23.89 14.69 -32.04
CA ALA C 133 25.19 14.27 -32.55
C ALA C 133 25.05 13.00 -33.37
N LYS C 134 26.10 12.70 -34.13
CA LYS C 134 26.18 11.50 -34.96
C LYS C 134 27.26 10.58 -34.44
N THR C 135 27.33 9.38 -35.03
CA THR C 135 28.31 8.39 -34.61
C THR C 135 29.72 8.90 -34.87
N THR C 136 30.57 8.83 -33.85
CA THR C 136 31.94 9.32 -33.93
C THR C 136 32.88 8.31 -33.29
N ALA C 137 34.09 8.19 -33.85
CA ALA C 137 35.08 7.29 -33.30
C ALA C 137 35.80 7.94 -32.12
N PRO C 138 36.01 7.19 -31.04
CA PRO C 138 36.67 7.78 -29.86
C PRO C 138 38.16 8.02 -30.11
N SER C 139 38.70 8.95 -29.34
CA SER C 139 40.13 9.24 -29.34
C SER C 139 40.72 8.84 -27.99
N VAL C 140 41.77 8.03 -28.02
CA VAL C 140 42.40 7.51 -26.80
C VAL C 140 43.77 8.14 -26.64
N TYR C 141 44.07 8.55 -25.41
CA TYR C 141 45.34 9.20 -25.09
C TYR C 141 45.98 8.50 -23.91
N PRO C 142 47.27 8.17 -23.97
CA PRO C 142 47.93 7.54 -22.82
C PRO C 142 48.36 8.58 -21.81
N LEU C 143 47.99 8.36 -20.55
CA LEU C 143 48.35 9.25 -19.45
C LEU C 143 49.48 8.61 -18.66
N ALA C 144 50.67 9.17 -18.78
CA ALA C 144 51.87 8.75 -18.07
C ALA C 144 52.13 9.68 -16.88
N PRO C 145 52.82 9.19 -15.85
CA PRO C 145 53.07 10.05 -14.68
C PRO C 145 53.96 11.23 -15.03
N VAL C 146 53.91 12.24 -14.16
CA VAL C 146 54.69 13.46 -14.37
C VAL C 146 56.17 13.11 -14.40
N CYS C 147 56.94 13.89 -15.17
CA CYS C 147 58.38 13.67 -15.27
C CYS C 147 59.02 13.72 -13.89
N GLY C 148 59.89 12.76 -13.62
CA GLY C 148 60.38 12.56 -12.28
C GLY C 148 59.36 11.85 -11.44
N ASP C 149 59.20 12.27 -10.17
CA ASP C 149 58.19 11.71 -9.27
C ASP C 149 58.31 10.20 -9.17
N THR C 150 59.54 9.73 -8.94
CA THR C 150 59.83 8.30 -8.86
C THR C 150 59.54 7.77 -7.45
N SER C 151 58.27 7.85 -7.07
CA SER C 151 57.82 7.32 -5.78
C SER C 151 57.93 5.80 -5.77
N GLY C 152 58.43 5.26 -4.67
CA GLY C 152 58.63 3.83 -4.57
C GLY C 152 57.42 3.09 -4.03
N SER C 153 56.46 3.81 -3.45
CA SER C 153 55.27 3.16 -2.90
C SER C 153 54.45 2.52 -4.00
N SER C 154 54.10 3.28 -5.04
CA SER C 154 53.29 2.78 -6.14
C SER C 154 53.31 3.82 -7.26
N VAL C 155 52.93 3.39 -8.45
CA VAL C 155 52.77 4.26 -9.61
C VAL C 155 51.39 4.02 -10.20
N THR C 156 50.75 5.10 -10.65
CA THR C 156 49.43 5.02 -11.24
C THR C 156 49.48 5.47 -12.69
N LEU C 157 48.62 4.86 -13.51
CA LEU C 157 48.55 5.14 -14.94
C LEU C 157 47.10 5.37 -15.31
N GLY C 158 46.86 5.68 -16.58
CA GLY C 158 45.51 5.86 -17.06
C GLY C 158 45.50 6.14 -18.54
N CYS C 159 44.31 6.01 -19.12
CA CYS C 159 44.08 6.37 -20.52
C CYS C 159 42.78 7.14 -20.62
N LEU C 160 42.78 8.17 -21.46
CA LEU C 160 41.64 9.08 -21.61
C LEU C 160 40.94 8.81 -22.93
N VAL C 161 39.63 8.65 -22.88
CA VAL C 161 38.80 8.42 -24.06
C VAL C 161 37.90 9.64 -24.23
N LYS C 162 37.95 10.26 -25.41
CA LYS C 162 37.27 11.52 -25.64
C LYS C 162 36.66 11.55 -27.03
N GLY C 163 35.45 12.10 -27.13
CA GLY C 163 34.87 12.44 -28.42
C GLY C 163 33.99 11.40 -29.07
N TYR C 164 33.54 10.39 -28.33
CA TYR C 164 32.67 9.36 -28.89
C TYR C 164 31.23 9.62 -28.47
N PHE C 165 30.32 9.63 -29.44
CA PHE C 165 28.91 9.88 -29.14
C PHE C 165 28.17 8.63 -28.65
N PRO C 166 28.25 7.48 -29.32
CA PRO C 166 27.50 6.32 -28.85
C PRO C 166 27.98 5.88 -27.46
N GLU C 167 27.03 5.63 -26.58
CA GLU C 167 27.37 5.43 -25.15
C GLU C 167 28.25 4.21 -24.89
N PRO C 168 27.94 3.01 -25.36
CA PRO C 168 28.69 1.83 -24.89
C PRO C 168 30.12 1.80 -25.41
N VAL C 169 31.08 1.88 -24.50
CA VAL C 169 32.49 1.69 -24.81
C VAL C 169 33.11 0.83 -23.72
N THR C 170 33.83 -0.21 -24.11
CA THR C 170 34.46 -1.13 -23.18
C THR C 170 35.96 -0.86 -23.12
N LEU C 171 36.48 -0.70 -21.91
CA LEU C 171 37.90 -0.42 -21.69
C LEU C 171 38.49 -1.52 -20.84
N THR C 172 39.61 -2.09 -21.30
CA THR C 172 40.28 -3.17 -20.61
C THR C 172 41.78 -2.91 -20.58
N TRP C 173 42.45 -3.49 -19.59
CA TRP C 173 43.88 -3.31 -19.39
C TRP C 173 44.58 -4.63 -19.67
N ASN C 174 45.45 -4.63 -20.68
CA ASN C 174 46.16 -5.84 -21.11
C ASN C 174 45.19 -6.99 -21.40
N SER C 175 44.09 -6.67 -22.07
CA SER C 175 43.06 -7.65 -22.43
C SER C 175 42.55 -8.40 -21.20
N GLY C 176 42.32 -7.66 -20.11
CA GLY C 176 41.79 -8.23 -18.89
C GLY C 176 42.82 -8.83 -17.96
N SER C 177 44.12 -8.73 -18.28
CA SER C 177 45.14 -9.27 -17.38
C SER C 177 45.16 -8.55 -16.04
N LEU C 178 45.02 -7.22 -16.06
CA LEU C 178 44.98 -6.42 -14.85
C LEU C 178 43.53 -6.07 -14.52
N SER C 179 43.07 -6.50 -13.35
CA SER C 179 41.73 -6.16 -12.90
C SER C 179 41.67 -5.86 -11.41
N SER C 180 42.81 -5.80 -10.73
CA SER C 180 42.81 -5.62 -9.28
C SER C 180 42.64 -4.15 -8.90
N GLY C 181 43.58 -3.30 -9.33
CA GLY C 181 43.55 -1.89 -8.96
C GLY C 181 42.98 -1.00 -10.04
N VAL C 182 42.21 -1.58 -10.96
CA VAL C 182 41.66 -0.84 -12.08
C VAL C 182 40.39 -0.11 -11.64
N HIS C 183 40.37 1.21 -11.83
CA HIS C 183 39.19 2.03 -11.59
C HIS C 183 38.70 2.59 -12.92
N THR C 184 37.43 2.35 -13.22
CA THR C 184 36.80 2.87 -14.43
C THR C 184 35.61 3.74 -14.04
N PHE C 185 35.60 4.97 -14.54
CA PHE C 185 34.61 5.95 -14.16
C PHE C 185 33.49 6.03 -15.19
N PRO C 186 32.27 6.30 -14.75
CA PRO C 186 31.14 6.39 -15.70
C PRO C 186 31.34 7.51 -16.70
N ALA C 187 30.85 7.27 -17.92
CA ALA C 187 30.93 8.28 -18.97
C ALA C 187 29.93 9.40 -18.70
N VAL C 188 30.34 10.63 -19.03
CA VAL C 188 29.51 11.82 -18.84
C VAL C 188 29.45 12.58 -20.15
N LEU C 189 28.27 13.10 -20.46
CA LEU C 189 27.99 13.75 -21.74
C LEU C 189 28.18 15.25 -21.60
N GLN C 190 29.10 15.81 -22.39
CA GLN C 190 29.30 17.25 -22.45
C GLN C 190 29.48 17.66 -23.90
N SER C 191 28.76 18.71 -24.32
CA SER C 191 28.80 19.20 -25.69
C SER C 191 28.47 18.09 -26.69
N ASP C 192 27.47 17.29 -26.37
CA ASP C 192 26.96 16.22 -27.24
C ASP C 192 28.02 15.17 -27.56
N LEU C 193 29.03 15.02 -26.70
CA LEU C 193 30.05 13.98 -26.88
C LEU C 193 30.44 13.45 -25.51
N TYR C 194 30.61 12.14 -25.41
CA TYR C 194 30.94 11.49 -24.15
C TYR C 194 32.44 11.53 -23.87
N THR C 195 32.78 11.37 -22.60
CA THR C 195 34.18 11.32 -22.16
C THR C 195 34.33 10.19 -21.16
N LEU C 196 35.39 9.41 -21.33
CA LEU C 196 35.66 8.25 -20.48
C LEU C 196 37.10 8.31 -20.00
N SER C 197 37.32 7.86 -18.76
CA SER C 197 38.67 7.80 -18.21
C SER C 197 38.75 6.65 -17.23
N SER C 198 39.93 6.03 -17.15
CA SER C 198 40.15 4.91 -16.25
C SER C 198 41.59 4.97 -15.75
N SER C 199 41.81 4.38 -14.57
CA SER C 199 43.13 4.39 -13.95
C SER C 199 43.45 3.00 -13.41
N VAL C 200 44.73 2.66 -13.45
CA VAL C 200 45.23 1.39 -12.92
C VAL C 200 46.42 1.69 -12.03
N THR C 201 46.46 1.05 -10.85
CA THR C 201 47.54 1.24 -9.89
C THR C 201 48.34 -0.05 -9.80
N VAL C 202 49.65 0.05 -10.02
CA VAL C 202 50.55 -1.09 -10.00
C VAL C 202 51.76 -0.75 -9.11
N THR C 203 52.57 -1.76 -8.86
CA THR C 203 53.78 -1.56 -8.06
C THR C 203 54.79 -0.72 -8.83
N SER C 204 55.73 -0.14 -8.08
CA SER C 204 56.70 0.78 -8.69
C SER C 204 57.59 0.06 -9.70
N SER C 205 58.00 -1.17 -9.39
CA SER C 205 58.91 -1.89 -10.26
C SER C 205 58.23 -2.48 -11.50
N THR C 206 56.91 -2.67 -11.46
CA THR C 206 56.23 -3.38 -12.53
C THR C 206 56.18 -2.56 -13.81
N TRP C 207 55.77 -1.29 -13.72
CA TRP C 207 55.50 -0.50 -14.92
C TRP C 207 56.73 -0.27 -15.79
N PRO C 208 57.88 0.19 -15.26
CA PRO C 208 59.04 0.37 -16.14
C PRO C 208 59.50 -0.90 -16.82
N SER C 209 59.35 -2.05 -16.17
CA SER C 209 59.82 -3.32 -16.72
C SER C 209 58.77 -4.03 -17.56
N GLN C 210 57.51 -3.99 -17.12
CA GLN C 210 56.42 -4.69 -17.80
C GLN C 210 55.52 -3.67 -18.50
N SER C 211 55.20 -3.94 -19.77
CA SER C 211 54.41 -3.01 -20.55
C SER C 211 52.95 -3.01 -20.10
N ILE C 212 52.33 -1.83 -20.12
CA ILE C 212 50.92 -1.67 -19.81
C ILE C 212 50.25 -1.03 -21.02
N THR C 213 49.14 -1.63 -21.46
CA THR C 213 48.44 -1.19 -22.66
C THR C 213 46.96 -1.01 -22.35
N CYS C 214 46.40 0.11 -22.78
CA CYS C 214 44.98 0.39 -22.60
C CYS C 214 44.23 -0.01 -23.86
N ASN C 215 43.24 -0.88 -23.71
CA ASN C 215 42.48 -1.42 -24.84
C ASN C 215 41.08 -0.82 -24.82
N VAL C 216 40.69 -0.17 -25.91
CA VAL C 216 39.39 0.47 -26.05
C VAL C 216 38.75 -0.02 -27.34
N ALA C 217 37.51 -0.48 -27.24
CA ALA C 217 36.75 -0.98 -28.38
C ALA C 217 35.40 -0.29 -28.44
N HIS C 218 35.05 0.23 -29.61
CA HIS C 218 33.77 0.91 -29.81
C HIS C 218 32.85 0.02 -30.64
N PRO C 219 31.77 -0.51 -30.07
CA PRO C 219 30.90 -1.40 -30.86
C PRO C 219 30.15 -0.68 -31.97
N ALA C 220 29.57 0.49 -31.70
CA ALA C 220 28.72 1.15 -32.68
C ALA C 220 29.50 1.49 -33.95
N SER C 221 30.67 2.09 -33.78
CA SER C 221 31.59 2.33 -34.89
C SER C 221 32.80 1.43 -34.66
N SER C 222 32.93 0.38 -35.46
CA SER C 222 33.94 -0.64 -35.24
C SER C 222 35.33 -0.04 -35.23
N THR C 223 35.97 -0.04 -34.06
CA THR C 223 37.29 0.55 -33.89
C THR C 223 37.91 -0.05 -32.64
N LYS C 224 39.10 -0.63 -32.78
CA LYS C 224 39.84 -1.21 -31.66
C LYS C 224 41.24 -0.62 -31.67
N VAL C 225 41.55 0.20 -30.66
CA VAL C 225 42.84 0.89 -30.55
C VAL C 225 43.54 0.40 -29.30
N ASP C 226 44.79 0.00 -29.45
CA ASP C 226 45.64 -0.41 -28.34
C ASP C 226 46.77 0.59 -28.19
N LYS C 227 46.83 1.27 -27.05
CA LYS C 227 47.83 2.29 -26.78
C LYS C 227 48.73 1.84 -25.64
N LYS C 228 50.05 1.94 -25.86
CA LYS C 228 51.04 1.54 -24.88
C LYS C 228 51.50 2.77 -24.11
N ILE C 229 51.27 2.76 -22.79
CA ILE C 229 51.72 3.86 -21.95
C ILE C 229 53.23 3.74 -21.76
N GLU C 230 53.94 4.83 -22.04
CA GLU C 230 55.39 4.83 -22.00
C GLU C 230 55.89 5.97 -21.12
N PRO C 231 57.06 5.81 -20.50
CA PRO C 231 57.60 6.87 -19.66
C PRO C 231 57.84 8.14 -20.44
N ARG C 232 57.60 9.28 -19.80
CA ARG C 232 57.77 10.57 -20.44
C ARG C 232 59.24 10.98 -20.49
C7 LDP D . -28.92 -2.81 17.98
C1 LDP D . -30.17 -2.03 17.59
C4 LDP D . -32.47 -0.63 16.87
C2 LDP D . -31.39 -2.68 17.48
C6 LDP D . -30.11 -0.68 17.34
C5 LDP D . -31.26 0.03 16.98
C3 LDP D . -32.53 -2.00 17.11
O1 LDP D . -33.73 -2.66 17.01
O2 LDP D . -33.60 0.06 16.52
C8 LDP D . -28.21 -3.42 16.77
N1 LDP D . -27.04 -4.19 17.19
#